data_9QB7
#
_entry.id   9QB7
#
_cell.length_a   72.442
_cell.length_b   82.391
_cell.length_c   230.676
_cell.angle_alpha   90.000
_cell.angle_beta   90.000
_cell.angle_gamma   90.000
#
_symmetry.space_group_name_H-M   'P 21 21 21'
#
loop_
_entity.id
_entity.type
_entity.pdbx_description
1 polymer '1-phosphatidylinositol 4,5-bisphosphate phosphodiesterase gamma-1'
2 non-polymer 'SULFATE ION'
3 water water
#
_entity_poly.entity_id   1
_entity_poly.type   'polypeptide(L)'
_entity_poly.pdbx_seq_one_letter_code
;MAGVGTPCANGCGPSAPSQAEVLHLCRSLEVGTVMTLFYSKKSQRPERKTFQVKLETRQITWSRGADKIEGSIDIREIKE
IRPGKTSRDFDRYQEDPAFRPDQSHCFVILYGMEFRLKTLSLQATSEDEVNMWIKGLTWLMEDTLQAATPLQIERWLRKQ
FYSVDRNREDRISAKDLKNMLSQVNYRVPNMRFLRERLTDFEQRSGDITYGQFAQLYRSLMYSAQKTMDLPFLETNTLRT
GERPELCQVSLSEFQQFLLEYQGELWAVDRLQVQEFMLSFLRDPLREIEEPYFFLDELVTFLFSKENSVWNSQLDAVCPE
TMNNPLSHYWISSSHNTYLTGDQFFSESSLEAYARCLRMGCRCIELDCWDGPDGMPVIYHGHTLTTKIKFSDVLHTIKEH
AFVASEYPVILSIEDHCSIAQQRNMAQHFRKVLGDTLLTKPVDIAADGLPSPNQLKRKILIKHKKLAEGSAYEEVPTSVM
YSENDISNSIKNGILYLEDPVNHEWYPHYFVLTSSKIYYSEETSSDQGNEDEEEPKEASGSTELHSSEKWFHGKLGAGRD
GRHIAERLLTEYCIETGAPDGSFLVRESETFVGDYTLSFWRNGKVQHCRIHSRQDAGTPKFFLTDNLVFDSLYDLITHYQ
QVPLRCNEFEMRLSEPVPQTNAHESKEWYHASLTRAQAEHMLMRVPRDGAFLVRKRNEPNSYAISFRAEGKIKHCRVQQE
GQTVMLGNSEFDSLVDLISYYEKHPLYRKMKLRYPINEEALEKIGSGSTFKCAVKALFDYKAQREDELTFTKSAIIQNVE
KQDGGWWRGDYGGKKQLWFPSNYVEEMINPAILEPEREHLDENSPLGDLLRGVLDVPACQIAIRPEGKNNRLFVFSISMP
SVAQWSLDVAADSQEELQDWVKKIREVAQTADARLTEGKMMERRKKIALELSELVVYCRPVPFDEEKIGTERACYRDMSS
FPETKAEKYVNKAKGKKFLQYNRLQLSRIYPKGQRLDSSNYDPLPMWICGSQLVALNFQTPDKPMQMNQALFMAGGHCGY
VLQPSTMRDEAFDPFDKSSLRGLEPCVICIEVLGARHLPKNGRGIVCPFVEIEVAGAEYDSTKQKTEFVVDNGLNPVWPA
KPFHFQISNPEFAFLRFVVYEEDMFSDQNFLAQATFPVKGLKTGYRAVPLKNNYSEDLELASLLIKIDIFPAKENGDLSP
FSGTSLRERASDASSQLFHVRAREGSFEARYQQPFEDFRISQEHLADHFDSRERRAPRRTRVNGDNRL
;
_entity_poly.pdbx_strand_id   A
#
loop_
_chem_comp.id
_chem_comp.type
_chem_comp.name
_chem_comp.formula
SO4 non-polymer 'SULFATE ION' 'O4 S -2'
#
# COMPACT_ATOMS: atom_id res chain seq x y z
N GLN A 19 -27.51 -13.54 -24.81
CA GLN A 19 -27.99 -12.19 -24.55
C GLN A 19 -29.29 -12.22 -23.75
N ALA A 20 -30.36 -12.82 -24.30
CA ALA A 20 -31.65 -12.82 -23.61
C ALA A 20 -31.54 -13.40 -22.20
N GLU A 21 -30.68 -14.39 -22.02
CA GLU A 21 -30.46 -14.96 -20.69
C GLU A 21 -29.81 -13.94 -19.76
N VAL A 22 -28.94 -13.08 -20.29
CA VAL A 22 -28.25 -12.11 -19.43
C VAL A 22 -29.22 -11.03 -18.95
N LEU A 23 -30.14 -10.59 -19.82
CA LEU A 23 -31.11 -9.57 -19.43
C LEU A 23 -32.12 -10.10 -18.41
N HIS A 24 -32.36 -11.40 -18.40
CA HIS A 24 -33.17 -11.96 -17.33
C HIS A 24 -32.35 -12.15 -16.05
N LEU A 25 -31.05 -12.42 -16.17
CA LEU A 25 -30.21 -12.76 -15.03
C LEU A 25 -29.83 -11.52 -14.20
N CYS A 26 -29.60 -10.38 -14.85
CA CYS A 26 -29.26 -9.16 -14.12
C CYS A 26 -30.36 -8.74 -13.16
N ARG A 27 -31.62 -8.83 -13.61
CA ARG A 27 -32.72 -8.39 -12.76
C ARG A 27 -32.82 -9.22 -11.49
N SER A 28 -32.50 -10.51 -11.59
CA SER A 28 -32.57 -11.38 -10.41
C SER A 28 -31.67 -10.89 -9.29
N LEU A 29 -30.39 -10.65 -9.61
CA LEU A 29 -29.46 -10.14 -8.60
C LEU A 29 -29.73 -8.68 -8.24
N GLU A 30 -30.39 -7.93 -9.13
CA GLU A 30 -30.82 -6.57 -8.80
C GLU A 30 -31.68 -6.58 -7.53
N VAL A 31 -32.62 -7.52 -7.44
CA VAL A 31 -33.50 -7.60 -6.26
C VAL A 31 -32.70 -7.99 -5.03
N GLY A 32 -32.06 -9.16 -5.05
CA GLY A 32 -31.03 -9.49 -4.09
C GLY A 32 -31.34 -10.74 -3.28
N THR A 33 -30.56 -10.91 -2.21
CA THR A 33 -30.60 -12.09 -1.35
C THR A 33 -30.00 -11.71 0.01
N VAL A 34 -30.30 -12.49 1.03
CA VAL A 34 -29.69 -12.38 2.34
C VAL A 34 -28.73 -13.54 2.51
N MET A 35 -27.51 -13.24 2.97
CA MET A 35 -26.51 -14.27 3.25
C MET A 35 -25.69 -13.82 4.45
N THR A 36 -25.24 -14.78 5.26
CA THR A 36 -24.36 -14.42 6.35
C THR A 36 -22.93 -14.15 5.84
N LEU A 37 -22.27 -13.21 6.48
CA LEU A 37 -21.04 -12.62 5.96
C LEU A 37 -19.95 -12.85 7.00
N PHE A 38 -18.88 -13.56 6.61
CA PHE A 38 -17.77 -13.85 7.49
C PHE A 38 -16.73 -12.74 7.36
N TYR A 39 -16.44 -12.09 8.48
CA TYR A 39 -15.70 -10.83 8.49
C TYR A 39 -14.20 -11.07 8.53
N SER A 40 -13.47 -10.33 7.70
CA SER A 40 -12.02 -10.46 7.67
C SER A 40 -11.38 -9.97 8.96
N LYS A 41 -11.99 -9.02 9.65
CA LYS A 41 -11.48 -8.56 10.94
C LYS A 41 -11.60 -9.66 11.99
N LYS A 42 -10.55 -9.83 12.80
CA LYS A 42 -10.52 -10.92 13.78
C LYS A 42 -11.60 -10.74 14.84
N SER A 43 -11.85 -9.49 15.25
CA SER A 43 -12.82 -9.22 16.30
C SER A 43 -14.23 -9.61 15.89
N GLN A 44 -14.60 -9.32 14.64
CA GLN A 44 -15.99 -9.45 14.22
C GLN A 44 -16.36 -10.91 13.98
N ARG A 45 -17.61 -11.25 14.29
CA ARG A 45 -18.17 -12.58 14.14
C ARG A 45 -19.33 -12.53 13.16
N PRO A 46 -19.67 -13.66 12.52
CA PRO A 46 -20.59 -13.61 11.37
C PRO A 46 -21.95 -13.05 11.71
N GLU A 47 -22.48 -12.24 10.78
CA GLU A 47 -23.84 -11.72 10.85
C GLU A 47 -24.45 -11.79 9.46
N ARG A 48 -25.76 -11.53 9.37
CA ARG A 48 -26.47 -11.52 8.11
C ARG A 48 -26.69 -10.09 7.62
N LYS A 49 -26.69 -9.92 6.30
CA LYS A 49 -27.03 -8.67 5.61
C LYS A 49 -27.73 -9.05 4.30
N THR A 50 -28.01 -8.05 3.44
CA THR A 50 -28.71 -8.30 2.18
C THR A 50 -28.01 -7.62 1.01
N PHE A 51 -27.83 -8.38 -0.09
CA PHE A 51 -26.87 -8.08 -1.14
C PHE A 51 -27.58 -7.89 -2.49
N GLN A 52 -27.21 -6.84 -3.21
CA GLN A 52 -27.80 -6.56 -4.51
C GLN A 52 -26.79 -5.86 -5.40
N VAL A 53 -27.05 -5.89 -6.70
CA VAL A 53 -26.19 -5.23 -7.69
C VAL A 53 -26.94 -4.04 -8.28
N LYS A 54 -26.35 -2.86 -8.15
CA LYS A 54 -27.04 -1.65 -8.58
C LYS A 54 -27.23 -1.64 -10.10
N LEU A 55 -26.24 -2.08 -10.85
CA LEU A 55 -26.22 -2.24 -12.31
C LEU A 55 -26.18 -0.93 -13.08
N GLU A 56 -26.45 0.18 -12.40
CA GLU A 56 -26.24 1.47 -13.00
C GLU A 56 -24.93 2.07 -12.53
N THR A 57 -24.49 1.65 -11.35
CA THR A 57 -23.13 1.85 -10.85
C THR A 57 -22.30 0.59 -10.91
N ARG A 58 -22.91 -0.55 -11.27
CA ARG A 58 -22.25 -1.85 -11.32
C ARG A 58 -21.49 -2.14 -10.02
N GLN A 59 -22.21 -2.03 -8.90
CA GLN A 59 -21.66 -2.33 -7.59
C GLN A 59 -22.46 -3.42 -6.89
N ILE A 60 -21.83 -4.11 -5.96
CA ILE A 60 -22.52 -4.97 -5.00
C ILE A 60 -22.62 -4.19 -3.70
N THR A 61 -23.85 -4.09 -3.17
CA THR A 61 -24.16 -3.33 -1.97
C THR A 61 -24.71 -4.25 -0.90
N TRP A 62 -24.53 -3.87 0.36
CA TRP A 62 -25.16 -4.61 1.45
C TRP A 62 -25.31 -3.73 2.68
N SER A 63 -26.29 -4.07 3.53
CA SER A 63 -26.64 -3.26 4.70
C SER A 63 -27.59 -4.06 5.59
N ARG A 64 -28.11 -3.41 6.62
CA ARG A 64 -28.98 -4.03 7.61
C ARG A 64 -30.44 -3.86 7.19
N GLY A 65 -31.12 -4.97 6.94
CA GLY A 65 -32.49 -4.91 6.45
C GLY A 65 -32.53 -4.52 4.99
N ALA A 66 -33.74 -4.30 4.50
CA ALA A 66 -33.95 -3.98 3.09
C ALA A 66 -33.73 -2.51 2.76
N ASP A 67 -33.37 -1.66 3.73
CA ASP A 67 -33.22 -0.24 3.44
C ASP A 67 -32.13 0.34 4.33
N LYS A 68 -30.90 0.37 3.79
CA LYS A 68 -29.77 1.15 4.27
C LYS A 68 -28.62 0.88 3.31
N ILE A 69 -27.44 1.47 3.56
CA ILE A 69 -26.21 1.05 2.89
C ILE A 69 -25.10 0.98 3.94
N GLU A 70 -24.43 -0.17 4.03
CA GLU A 70 -23.37 -0.39 5.01
C GLU A 70 -22.07 -0.94 4.44
N GLY A 71 -22.03 -1.29 3.15
CA GLY A 71 -20.81 -1.73 2.49
C GLY A 71 -20.99 -1.79 0.99
N SER A 72 -19.91 -1.61 0.23
CA SER A 72 -20.01 -1.63 -1.22
C SER A 72 -18.77 -2.27 -1.83
N ILE A 73 -18.95 -2.81 -3.04
CA ILE A 73 -17.86 -3.43 -3.82
C ILE A 73 -18.04 -2.99 -5.26
N ASP A 74 -17.00 -2.42 -5.86
CA ASP A 74 -17.03 -2.18 -7.29
C ASP A 74 -16.84 -3.47 -8.06
N ILE A 75 -17.72 -3.71 -9.02
CA ILE A 75 -17.64 -4.95 -9.78
C ILE A 75 -16.47 -4.87 -10.76
N ARG A 76 -16.07 -3.67 -11.17
CA ARG A 76 -14.90 -3.53 -12.02
C ARG A 76 -13.62 -3.98 -11.31
N GLU A 77 -13.66 -4.12 -9.98
CA GLU A 77 -12.51 -4.54 -9.19
C GLU A 77 -12.49 -6.04 -8.93
N ILE A 78 -13.46 -6.80 -9.43
CA ILE A 78 -13.53 -8.22 -9.10
C ILE A 78 -12.47 -8.97 -9.90
N LYS A 79 -11.66 -9.76 -9.19
CA LYS A 79 -10.62 -10.58 -9.80
C LYS A 79 -11.13 -11.98 -10.09
N GLU A 80 -11.82 -12.57 -9.11
CA GLU A 80 -12.25 -13.96 -9.19
C GLU A 80 -13.51 -14.13 -8.36
N ILE A 81 -14.46 -14.89 -8.89
CA ILE A 81 -15.62 -15.35 -8.13
C ILE A 81 -15.44 -16.85 -7.89
N ARG A 82 -15.27 -17.24 -6.64
CA ARG A 82 -14.77 -18.57 -6.33
C ARG A 82 -15.81 -19.37 -5.55
N PRO A 83 -16.36 -20.44 -6.14
CA PRO A 83 -17.27 -21.34 -5.42
C PRO A 83 -16.61 -22.01 -4.23
N GLY A 84 -17.41 -22.34 -3.22
CA GLY A 84 -16.92 -23.06 -2.06
C GLY A 84 -16.68 -22.17 -0.85
N LYS A 85 -16.02 -22.76 0.14
CA LYS A 85 -15.69 -22.07 1.39
C LYS A 85 -14.17 -21.95 1.59
N THR A 86 -13.45 -21.81 0.47
CA THR A 86 -11.99 -21.68 0.48
C THR A 86 -11.63 -20.20 0.57
N SER A 87 -11.59 -19.67 1.79
CA SER A 87 -10.98 -18.38 2.09
C SER A 87 -10.51 -18.39 3.54
N ARG A 88 -9.54 -17.52 3.85
CA ARG A 88 -9.09 -17.40 5.24
C ARG A 88 -10.20 -16.92 6.17
N ASP A 89 -11.17 -16.15 5.64
CA ASP A 89 -12.31 -15.74 6.45
C ASP A 89 -13.11 -16.94 6.94
N PHE A 90 -13.35 -17.91 6.05
CA PHE A 90 -14.04 -19.13 6.44
C PHE A 90 -13.18 -19.99 7.37
N ASP A 91 -11.87 -20.00 7.15
CA ASP A 91 -10.98 -20.85 7.95
C ASP A 91 -10.84 -20.35 9.38
N ARG A 92 -11.15 -19.08 9.65
CA ARG A 92 -11.05 -18.59 11.03
C ARG A 92 -12.00 -19.33 11.96
N TYR A 93 -13.23 -19.58 11.51
CA TYR A 93 -14.20 -20.39 12.25
C TYR A 93 -14.41 -21.67 11.44
N GLN A 94 -13.52 -22.64 11.66
CA GLN A 94 -13.65 -23.96 11.08
C GLN A 94 -13.51 -25.05 12.13
N GLU A 95 -13.36 -24.69 13.40
CA GLU A 95 -13.51 -25.60 14.52
C GLU A 95 -14.70 -25.24 15.41
N ASP A 96 -15.11 -23.98 15.40
CA ASP A 96 -16.30 -23.43 16.03
C ASP A 96 -17.55 -24.12 15.49
N PRO A 97 -18.21 -25.00 16.25
CA PRO A 97 -19.39 -25.70 15.70
C PRO A 97 -20.51 -24.76 15.28
N ALA A 98 -20.59 -23.58 15.89
CA ALA A 98 -21.61 -22.60 15.51
C ALA A 98 -21.41 -22.10 14.09
N PHE A 99 -20.15 -21.93 13.67
CA PHE A 99 -19.86 -21.31 12.39
C PHE A 99 -19.04 -22.21 11.47
N ARG A 100 -19.42 -23.48 11.35
CA ARG A 100 -18.83 -24.42 10.41
C ARG A 100 -19.81 -24.73 9.29
N PRO A 101 -19.95 -23.85 8.29
CA PRO A 101 -20.95 -24.08 7.23
C PRO A 101 -20.61 -25.24 6.30
N ASP A 102 -21.49 -25.46 5.34
CA ASP A 102 -21.31 -26.47 4.31
C ASP A 102 -20.79 -25.77 3.07
N GLN A 103 -19.75 -26.35 2.45
CA GLN A 103 -19.05 -25.68 1.36
C GLN A 103 -19.95 -25.40 0.16
N SER A 104 -21.02 -26.20 -0.03
CA SER A 104 -21.92 -25.99 -1.17
C SER A 104 -22.65 -24.65 -1.02
N HIS A 105 -22.91 -24.25 0.22
CA HIS A 105 -23.68 -23.07 0.54
C HIS A 105 -22.87 -21.78 0.47
N CYS A 106 -21.58 -21.87 0.12
CA CYS A 106 -20.66 -20.74 0.23
C CYS A 106 -20.05 -20.40 -1.12
N PHE A 107 -19.59 -19.15 -1.22
CA PHE A 107 -18.75 -18.68 -2.31
C PHE A 107 -18.01 -17.43 -1.87
N VAL A 108 -16.94 -17.11 -2.58
CA VAL A 108 -16.02 -16.06 -2.17
C VAL A 108 -15.78 -15.14 -3.36
N ILE A 109 -15.97 -13.84 -3.15
CA ILE A 109 -15.62 -12.85 -4.17
C ILE A 109 -14.27 -12.26 -3.80
N LEU A 110 -13.29 -12.44 -4.69
CA LEU A 110 -11.97 -11.86 -4.48
C LEU A 110 -11.85 -10.65 -5.39
N TYR A 111 -11.64 -9.49 -4.79
CA TYR A 111 -11.71 -8.22 -5.50
C TYR A 111 -10.68 -7.29 -4.92
N GLY A 112 -10.20 -6.37 -5.74
CA GLY A 112 -9.34 -5.31 -5.28
C GLY A 112 -8.38 -4.88 -6.37
N MET A 113 -7.47 -3.99 -5.99
CA MET A 113 -6.46 -3.46 -6.90
C MET A 113 -5.05 -3.55 -6.34
N GLU A 114 -4.83 -4.35 -5.31
CA GLU A 114 -3.49 -4.61 -4.82
C GLU A 114 -3.21 -6.10 -4.90
N PHE A 115 -1.95 -6.49 -4.62
CA PHE A 115 -1.63 -7.91 -4.63
C PHE A 115 -2.55 -8.70 -3.70
N ARG A 116 -2.65 -8.28 -2.42
CA ARG A 116 -3.57 -8.92 -1.48
C ARG A 116 -4.99 -8.52 -1.83
N LEU A 117 -5.73 -9.44 -2.43
CA LEU A 117 -7.11 -9.15 -2.76
C LEU A 117 -7.93 -9.03 -1.48
N LYS A 118 -9.01 -8.27 -1.56
CA LYS A 118 -10.04 -8.34 -0.53
C LYS A 118 -10.96 -9.52 -0.84
N THR A 119 -11.59 -10.05 0.21
CA THR A 119 -12.48 -11.21 0.08
C THR A 119 -13.82 -10.90 0.73
N LEU A 120 -14.90 -11.03 -0.02
CA LEU A 120 -16.26 -11.12 0.51
C LEU A 120 -16.62 -12.61 0.61
N SER A 121 -16.68 -13.14 1.84
CA SER A 121 -16.92 -14.58 2.05
C SER A 121 -18.35 -14.79 2.55
N LEU A 122 -19.22 -15.27 1.65
CA LEU A 122 -20.66 -15.29 1.87
C LEU A 122 -21.20 -16.71 1.94
N GLN A 123 -22.33 -16.86 2.63
CA GLN A 123 -23.01 -18.14 2.84
C GLN A 123 -24.51 -17.97 2.60
N ALA A 124 -25.01 -18.55 1.51
CA ALA A 124 -26.42 -18.62 1.17
C ALA A 124 -26.93 -20.03 1.36
N THR A 125 -28.22 -20.17 1.69
CA THR A 125 -28.77 -21.47 2.04
C THR A 125 -28.86 -22.40 0.84
N SER A 126 -29.60 -21.98 -0.19
CA SER A 126 -29.79 -22.80 -1.38
C SER A 126 -28.52 -22.89 -2.22
N GLU A 127 -28.42 -23.98 -2.97
CA GLU A 127 -27.32 -24.13 -3.92
C GLU A 127 -27.48 -23.19 -5.10
N ASP A 128 -28.72 -22.92 -5.51
CA ASP A 128 -28.94 -22.15 -6.73
C ASP A 128 -28.92 -20.64 -6.51
N GLU A 129 -29.03 -20.15 -5.28
CA GLU A 129 -28.67 -18.75 -5.06
C GLU A 129 -27.20 -18.54 -5.38
N VAL A 130 -26.36 -19.46 -4.90
CA VAL A 130 -24.93 -19.39 -5.15
C VAL A 130 -24.66 -19.46 -6.65
N ASN A 131 -25.29 -20.41 -7.36
CA ASN A 131 -25.04 -20.58 -8.79
C ASN A 131 -25.50 -19.36 -9.59
N MET A 132 -26.62 -18.76 -9.21
CA MET A 132 -27.09 -17.55 -9.87
C MET A 132 -26.15 -16.38 -9.62
N TRP A 133 -25.73 -16.20 -8.37
CA TRP A 133 -24.80 -15.13 -8.06
C TRP A 133 -23.49 -15.31 -8.80
N ILE A 134 -22.96 -16.53 -8.86
CA ILE A 134 -21.71 -16.76 -9.57
C ILE A 134 -21.85 -16.45 -11.05
N LYS A 135 -22.94 -16.91 -11.68
CA LYS A 135 -23.12 -16.63 -13.10
C LYS A 135 -23.53 -15.19 -13.33
N GLY A 136 -24.25 -14.60 -12.38
CA GLY A 136 -24.56 -13.18 -12.45
C GLY A 136 -23.33 -12.32 -12.38
N LEU A 137 -22.64 -12.34 -11.23
CA LEU A 137 -21.44 -11.53 -11.08
C LEU A 137 -20.44 -11.81 -12.19
N THR A 138 -20.38 -13.03 -12.71
CA THR A 138 -19.42 -13.35 -13.76
C THR A 138 -19.76 -12.61 -15.05
N TRP A 139 -21.03 -12.59 -15.44
CA TRP A 139 -21.41 -11.87 -16.64
C TRP A 139 -21.17 -10.38 -16.47
N LEU A 140 -21.63 -9.81 -15.34
CA LEU A 140 -21.44 -8.40 -15.05
C LEU A 140 -19.96 -8.07 -14.97
N MET A 141 -19.19 -8.92 -14.30
CA MET A 141 -17.75 -8.72 -14.18
C MET A 141 -17.11 -8.48 -15.54
N GLU A 142 -17.38 -9.36 -16.49
CA GLU A 142 -16.83 -9.17 -17.83
C GLU A 142 -17.45 -7.95 -18.51
N ASP A 143 -18.76 -7.78 -18.40
CA ASP A 143 -19.42 -6.71 -19.12
C ASP A 143 -18.94 -5.35 -18.64
N THR A 144 -18.79 -5.18 -17.32
CA THR A 144 -18.30 -3.92 -16.78
C THR A 144 -16.89 -3.61 -17.26
N LEU A 145 -16.00 -4.62 -17.25
CA LEU A 145 -14.60 -4.42 -17.65
C LEU A 145 -14.46 -3.95 -19.09
N GLN A 146 -15.37 -4.36 -19.97
CA GLN A 146 -15.28 -4.04 -21.39
C GLN A 146 -16.31 -3.01 -21.84
N ALA A 147 -17.08 -2.46 -20.92
CA ALA A 147 -18.00 -1.39 -21.27
C ALA A 147 -17.24 -0.27 -21.94
N ALA A 148 -17.81 0.26 -23.02
CA ALA A 148 -17.19 1.38 -23.72
C ALA A 148 -17.11 2.59 -22.82
N THR A 149 -16.14 3.46 -23.12
CA THR A 149 -15.75 4.52 -22.21
C THR A 149 -16.91 5.44 -21.78
N PRO A 150 -17.82 5.89 -22.66
CA PRO A 150 -18.93 6.71 -22.16
C PRO A 150 -19.77 6.03 -21.10
N LEU A 151 -19.96 4.72 -21.19
CA LEU A 151 -20.77 4.07 -20.18
C LEU A 151 -20.01 3.89 -18.87
N GLN A 152 -18.68 3.70 -18.95
CA GLN A 152 -17.85 3.72 -17.76
C GLN A 152 -17.86 5.09 -17.09
N ILE A 153 -17.71 6.16 -17.89
CA ILE A 153 -17.84 7.51 -17.35
C ILE A 153 -19.22 7.70 -16.75
N GLU A 154 -20.25 7.11 -17.38
CA GLU A 154 -21.60 7.21 -16.83
C GLU A 154 -21.66 6.60 -15.44
N ARG A 155 -21.17 5.38 -15.29
CA ARG A 155 -21.28 4.74 -13.98
C ARG A 155 -20.40 5.43 -12.94
N TRP A 156 -19.31 6.09 -13.37
CA TRP A 156 -18.50 6.81 -12.42
C TRP A 156 -19.26 8.03 -11.87
N LEU A 157 -19.87 8.83 -12.75
CA LEU A 157 -20.65 9.99 -12.32
C LEU A 157 -21.77 9.59 -11.37
N ARG A 158 -22.49 8.51 -11.70
CA ARG A 158 -23.51 7.96 -10.81
C ARG A 158 -22.92 7.67 -9.44
N LYS A 159 -21.73 7.08 -9.40
CA LYS A 159 -21.11 6.68 -8.15
C LYS A 159 -20.74 7.89 -7.30
N GLN A 160 -20.22 8.96 -7.92
CA GLN A 160 -19.94 10.18 -7.17
C GLN A 160 -21.21 10.82 -6.60
N PHE A 161 -22.30 10.81 -7.37
CA PHE A 161 -23.53 11.47 -6.96
C PHE A 161 -24.21 10.76 -5.78
N TYR A 162 -24.19 9.43 -5.77
CA TYR A 162 -24.86 8.67 -4.72
C TYR A 162 -24.07 8.61 -3.45
N SER A 163 -23.02 9.42 -3.32
CA SER A 163 -22.17 9.45 -2.14
C SER A 163 -22.35 10.72 -1.33
N VAL A 164 -23.44 11.45 -1.55
CA VAL A 164 -23.78 12.70 -0.87
C VAL A 164 -25.27 12.70 -0.52
N ASP A 165 -25.80 13.86 -0.10
CA ASP A 165 -27.19 14.04 0.29
C ASP A 165 -28.19 13.72 -0.82
N ARG A 166 -27.70 13.32 -2.00
CA ARG A 166 -28.53 12.70 -3.01
C ARG A 166 -28.95 11.30 -2.58
N ASN A 167 -30.02 10.80 -3.22
CA ASN A 167 -30.83 9.62 -2.88
C ASN A 167 -31.90 9.91 -1.82
N ARG A 168 -31.98 11.12 -1.27
CA ARG A 168 -33.02 11.47 -0.31
C ARG A 168 -33.87 12.64 -0.77
N GLU A 169 -33.25 13.72 -1.21
CA GLU A 169 -33.95 14.87 -1.79
C GLU A 169 -33.70 14.99 -3.29
N ASP A 170 -32.87 14.12 -3.87
CA ASP A 170 -32.54 13.95 -5.28
C ASP A 170 -31.59 15.04 -5.80
N ARG A 171 -31.21 16.00 -4.98
CA ARG A 171 -30.35 17.11 -5.37
C ARG A 171 -29.18 17.19 -4.40
N ILE A 172 -28.21 18.05 -4.71
CA ILE A 172 -27.06 18.26 -3.83
C ILE A 172 -26.69 19.74 -3.75
N SER A 173 -26.14 20.13 -2.60
CA SER A 173 -25.73 21.50 -2.36
C SER A 173 -24.58 21.91 -3.27
N ALA A 174 -24.35 23.21 -3.40
CA ALA A 174 -23.18 23.70 -4.11
C ALA A 174 -21.89 23.61 -3.28
N LYS A 175 -22.00 23.49 -1.96
CA LYS A 175 -20.87 23.16 -1.08
C LYS A 175 -20.63 21.67 -0.99
N ASP A 176 -21.70 20.86 -1.02
CA ASP A 176 -21.51 19.42 -1.11
C ASP A 176 -20.94 19.04 -2.46
N LEU A 177 -21.19 19.85 -3.49
CA LEU A 177 -20.57 19.65 -4.79
C LEU A 177 -19.12 20.11 -4.79
N LYS A 178 -18.79 21.18 -4.05
CA LYS A 178 -17.39 21.59 -3.92
C LYS A 178 -16.58 20.51 -3.23
N ASN A 179 -17.10 19.95 -2.14
CA ASN A 179 -16.38 18.94 -1.37
C ASN A 179 -16.25 17.63 -2.13
N MET A 180 -17.14 17.39 -3.08
CA MET A 180 -17.04 16.20 -3.90
C MET A 180 -15.98 16.34 -4.98
N LEU A 181 -15.89 17.52 -5.61
CA LEU A 181 -14.87 17.72 -6.64
C LEU A 181 -13.46 17.67 -6.05
N SER A 182 -13.28 18.24 -4.85
CA SER A 182 -11.97 18.14 -4.21
C SER A 182 -11.66 16.70 -3.87
N GLN A 183 -12.70 15.87 -3.64
CA GLN A 183 -12.43 14.46 -3.43
C GLN A 183 -11.97 13.75 -4.70
N VAL A 184 -12.19 14.34 -5.87
CA VAL A 184 -11.74 13.74 -7.13
C VAL A 184 -10.76 14.67 -7.81
N ASN A 185 -9.96 15.39 -7.00
CA ASN A 185 -8.75 16.11 -7.42
C ASN A 185 -9.01 17.39 -8.21
N TYR A 186 -10.07 18.12 -7.90
CA TYR A 186 -10.34 19.42 -8.53
C TYR A 186 -10.66 20.46 -7.48
N ARG A 187 -10.00 21.62 -7.57
N ARG A 187 -9.95 21.59 -7.53
CA ARG A 187 -10.20 22.73 -6.63
CA ARG A 187 -10.23 22.72 -6.66
C ARG A 187 -10.85 23.90 -7.35
C ARG A 187 -10.93 23.80 -7.47
N VAL A 188 -12.13 24.17 -7.03
CA VAL A 188 -12.82 25.33 -7.57
C VAL A 188 -12.20 26.57 -6.91
N PRO A 189 -11.67 27.51 -7.69
CA PRO A 189 -10.97 28.65 -7.07
C PRO A 189 -11.83 29.46 -6.10
N ASN A 190 -13.12 29.59 -6.35
CA ASN A 190 -14.00 30.32 -5.43
C ASN A 190 -15.32 29.58 -5.18
N ASP A 207 -29.17 24.36 -5.84
CA ASP A 207 -29.27 22.90 -5.83
C ASP A 207 -29.34 22.31 -7.24
N ILE A 208 -28.77 21.12 -7.40
CA ILE A 208 -28.62 20.48 -8.71
C ILE A 208 -28.91 18.98 -8.58
N THR A 209 -29.53 18.42 -9.63
CA THR A 209 -29.82 16.99 -9.75
C THR A 209 -28.76 16.33 -10.64
N TYR A 210 -28.88 15.01 -10.79
CA TYR A 210 -27.86 14.26 -11.51
C TYR A 210 -27.69 14.74 -12.94
N GLY A 211 -28.81 15.04 -13.61
CA GLY A 211 -28.73 15.49 -15.00
C GLY A 211 -27.90 16.74 -15.15
N GLN A 212 -28.16 17.75 -14.31
CA GLN A 212 -27.29 18.92 -14.37
C GLN A 212 -25.90 18.62 -13.85
N PHE A 213 -25.77 17.66 -12.93
CA PHE A 213 -24.46 17.27 -12.44
C PHE A 213 -23.61 16.71 -13.57
N ALA A 214 -24.16 15.78 -14.35
CA ALA A 214 -23.40 15.21 -15.45
C ALA A 214 -23.02 16.27 -16.47
N GLN A 215 -23.96 17.13 -16.84
CA GLN A 215 -23.65 18.16 -17.82
C GLN A 215 -22.58 19.10 -17.30
N LEU A 216 -22.62 19.40 -15.99
CA LEU A 216 -21.55 20.17 -15.36
C LEU A 216 -20.20 19.52 -15.58
N TYR A 217 -20.09 18.22 -15.26
CA TYR A 217 -18.84 17.51 -15.43
C TYR A 217 -18.41 17.51 -16.90
N ARG A 218 -19.34 17.19 -17.81
CA ARG A 218 -19.02 17.19 -19.23
C ARG A 218 -18.48 18.54 -19.69
N SER A 219 -19.19 19.62 -19.34
CA SER A 219 -18.77 20.96 -19.74
C SER A 219 -17.44 21.35 -19.09
N LEU A 220 -17.19 20.84 -17.89
CA LEU A 220 -15.97 21.21 -17.17
C LEU A 220 -14.73 20.55 -17.78
N MET A 221 -14.81 19.26 -18.13
CA MET A 221 -13.64 18.61 -18.71
C MET A 221 -13.26 19.21 -20.06
N TYR A 222 -14.24 19.52 -20.90
CA TYR A 222 -13.93 20.18 -22.16
C TYR A 222 -13.42 21.59 -21.93
N SER A 223 -14.02 22.31 -20.99
CA SER A 223 -13.60 23.70 -20.77
C SER A 223 -12.16 23.77 -20.28
N ALA A 224 -11.79 22.89 -19.35
CA ALA A 224 -10.47 22.94 -18.75
C ALA A 224 -9.36 22.59 -19.74
N GLN A 225 -9.63 21.75 -20.74
CA GLN A 225 -8.56 21.28 -21.61
C GLN A 225 -8.73 21.73 -23.06
N LYS A 226 -9.62 22.68 -23.33
CA LYS A 226 -9.72 23.28 -24.66
C LYS A 226 -8.44 24.00 -25.08
N THR A 227 -7.42 24.06 -24.23
CA THR A 227 -6.16 24.72 -24.52
C THR A 227 -5.27 23.88 -25.44
N MET A 228 -5.46 22.56 -25.46
CA MET A 228 -4.46 21.63 -25.96
C MET A 228 -4.21 21.84 -27.44
N ASP A 229 -2.95 21.66 -27.86
CA ASP A 229 -2.52 22.10 -29.19
C ASP A 229 -3.44 21.59 -30.29
N LEU A 230 -3.66 20.28 -30.33
CA LEU A 230 -4.74 19.63 -31.09
C LEU A 230 -5.03 20.33 -32.42
N PRO A 231 -4.10 20.38 -33.35
CA PRO A 231 -4.26 21.25 -34.53
C PRO A 231 -5.47 20.92 -35.38
N PHE A 232 -6.04 19.73 -35.24
CA PHE A 232 -7.21 19.33 -36.01
C PHE A 232 -8.52 19.90 -35.47
N LEU A 233 -8.47 20.96 -34.67
CA LEU A 233 -9.68 21.56 -34.11
C LEU A 233 -9.59 23.08 -34.13
N GLU A 245 -18.36 25.82 -26.20
CA GLU A 245 -19.20 25.51 -27.35
C GLU A 245 -19.32 24.00 -27.54
N LEU A 246 -20.33 23.60 -28.32
CA LEU A 246 -20.46 22.23 -28.82
C LEU A 246 -20.64 22.29 -30.33
N CYS A 247 -19.73 21.65 -31.04
CA CYS A 247 -19.82 21.53 -32.48
C CYS A 247 -19.95 20.04 -32.78
N GLN A 248 -20.20 19.70 -34.04
CA GLN A 248 -20.39 18.31 -34.43
C GLN A 248 -19.32 17.95 -35.44
N VAL A 249 -18.70 16.78 -35.26
CA VAL A 249 -17.81 16.18 -36.26
C VAL A 249 -18.49 14.93 -36.79
N SER A 250 -18.50 14.80 -38.12
CA SER A 250 -19.34 13.80 -38.77
C SER A 250 -18.61 12.47 -38.92
N LEU A 251 -19.25 11.53 -39.60
CA LEU A 251 -18.58 10.27 -39.93
C LEU A 251 -17.42 10.51 -40.90
N SER A 252 -17.59 11.46 -41.82
CA SER A 252 -16.52 11.81 -42.76
C SER A 252 -15.32 12.42 -42.04
N GLU A 253 -15.57 13.39 -41.15
CA GLU A 253 -14.49 14.08 -40.44
C GLU A 253 -13.68 13.10 -39.58
N PHE A 254 -14.38 12.25 -38.82
CA PHE A 254 -13.67 11.33 -37.94
C PHE A 254 -12.84 10.33 -38.75
N GLN A 255 -13.41 9.78 -39.83
CA GLN A 255 -12.64 8.88 -40.68
C GLN A 255 -11.38 9.58 -41.19
N GLN A 256 -11.53 10.83 -41.63
CA GLN A 256 -10.38 11.61 -42.06
C GLN A 256 -9.34 11.69 -40.95
N PHE A 257 -9.78 11.83 -39.68
CA PHE A 257 -8.83 11.88 -38.58
C PHE A 257 -8.03 10.59 -38.49
N LEU A 258 -8.72 9.44 -38.44
CA LEU A 258 -8.04 8.18 -38.21
C LEU A 258 -6.98 7.87 -39.26
N LEU A 259 -7.08 8.49 -40.44
CA LEU A 259 -6.17 8.23 -41.56
C LEU A 259 -5.02 9.22 -41.63
N GLU A 260 -5.28 10.53 -41.49
CA GLU A 260 -4.20 11.51 -41.59
C GLU A 260 -3.35 11.59 -40.32
N TYR A 261 -3.91 11.29 -39.16
CA TYR A 261 -3.22 11.48 -37.90
C TYR A 261 -2.96 10.20 -37.12
N GLN A 262 -3.84 9.20 -37.21
CA GLN A 262 -3.73 8.02 -36.36
C GLN A 262 -3.05 6.82 -37.03
N GLY A 263 -2.88 6.81 -38.34
CA GLY A 263 -2.31 5.63 -38.96
C GLY A 263 -3.20 4.40 -38.96
N GLU A 264 -4.51 4.57 -38.82
CA GLU A 264 -5.45 3.44 -38.83
C GLU A 264 -5.89 3.22 -40.28
N LEU A 265 -5.09 2.42 -41.00
CA LEU A 265 -5.25 2.27 -42.44
C LEU A 265 -6.59 1.66 -42.79
N TRP A 266 -7.10 0.77 -41.95
CA TRP A 266 -8.39 0.13 -42.17
C TRP A 266 -9.52 1.14 -42.34
N ALA A 267 -9.35 2.37 -41.88
CA ALA A 267 -10.42 3.36 -41.87
C ALA A 267 -10.58 4.07 -43.19
N VAL A 268 -10.04 3.52 -44.29
CA VAL A 268 -10.46 3.94 -45.61
C VAL A 268 -11.84 3.41 -45.94
N ASP A 269 -12.32 2.44 -45.15
CA ASP A 269 -13.67 1.91 -45.26
C ASP A 269 -14.57 2.71 -44.32
N ARG A 270 -15.49 3.51 -44.89
CA ARG A 270 -16.39 4.32 -44.06
C ARG A 270 -17.24 3.46 -43.13
N LEU A 271 -17.67 2.29 -43.61
CA LEU A 271 -18.56 1.46 -42.80
C LEU A 271 -17.88 1.01 -41.52
N GLN A 272 -16.59 0.66 -41.59
CA GLN A 272 -15.86 0.31 -40.38
C GLN A 272 -15.74 1.51 -39.44
N VAL A 273 -15.55 2.71 -40.01
CA VAL A 273 -15.49 3.92 -39.18
C VAL A 273 -16.84 4.17 -38.53
N GLN A 274 -17.93 3.93 -39.26
CA GLN A 274 -19.26 4.05 -38.71
C GLN A 274 -19.49 3.03 -37.60
N GLU A 275 -19.10 1.78 -37.82
CA GLU A 275 -19.22 0.78 -36.76
C GLU A 275 -18.30 1.10 -35.59
N PHE A 276 -17.23 1.86 -35.83
CA PHE A 276 -16.34 2.31 -34.75
C PHE A 276 -17.03 3.38 -33.90
N MET A 277 -17.55 4.44 -34.53
CA MET A 277 -18.17 5.51 -33.75
C MET A 277 -19.35 4.98 -32.94
N LEU A 278 -20.23 4.18 -33.56
CA LEU A 278 -21.35 3.62 -32.81
C LEU A 278 -20.86 2.69 -31.71
N SER A 279 -19.75 1.99 -31.95
CA SER A 279 -19.10 1.20 -30.91
C SER A 279 -18.54 2.04 -29.78
N PHE A 280 -18.35 3.34 -30.01
CA PHE A 280 -17.91 4.22 -28.93
C PHE A 280 -19.10 4.74 -28.14
N LEU A 281 -20.09 5.32 -28.83
CA LEU A 281 -21.24 5.94 -28.18
C LEU A 281 -22.12 4.93 -27.44
N ARG A 282 -22.38 3.77 -28.06
CA ARG A 282 -23.35 2.79 -27.57
C ARG A 282 -24.71 3.42 -27.26
N ASP A 283 -24.98 4.57 -27.84
CA ASP A 283 -26.31 5.16 -27.80
C ASP A 283 -27.20 4.42 -28.78
N PRO A 284 -28.28 3.75 -28.34
CA PRO A 284 -29.24 3.22 -29.32
C PRO A 284 -29.88 4.30 -30.18
N LEU A 285 -30.17 5.46 -29.59
CA LEU A 285 -30.56 6.65 -30.34
C LEU A 285 -29.39 7.13 -31.20
N ARG A 286 -29.69 8.03 -32.13
CA ARG A 286 -28.72 8.65 -33.05
C ARG A 286 -27.85 7.61 -33.77
N GLU A 287 -28.29 6.36 -33.81
CA GLU A 287 -27.62 5.28 -34.53
C GLU A 287 -28.22 5.06 -35.92
N ILE A 288 -29.55 5.18 -36.03
CA ILE A 288 -30.20 5.12 -37.33
C ILE A 288 -29.71 6.26 -38.22
N GLU A 289 -29.38 7.41 -37.63
CA GLU A 289 -28.77 8.52 -38.34
C GLU A 289 -27.26 8.42 -38.31
N GLU A 290 -26.63 8.92 -39.37
CA GLU A 290 -25.18 8.84 -39.56
C GLU A 290 -24.45 9.27 -38.30
N PRO A 291 -23.56 8.43 -37.75
CA PRO A 291 -22.95 8.75 -36.46
C PRO A 291 -22.15 10.04 -36.52
N TYR A 292 -22.12 10.74 -35.40
CA TYR A 292 -21.28 11.92 -35.22
C TYR A 292 -20.76 11.94 -33.78
N PHE A 293 -19.71 12.72 -33.58
CA PHE A 293 -19.22 13.05 -32.25
C PHE A 293 -19.41 14.55 -31.99
N PHE A 294 -19.91 14.89 -30.82
CA PHE A 294 -19.79 16.28 -30.41
C PHE A 294 -18.31 16.62 -30.23
N LEU A 295 -18.01 17.92 -30.20
CA LEU A 295 -16.61 18.32 -30.08
C LEU A 295 -16.00 17.83 -28.77
N ASP A 296 -16.74 17.91 -27.68
CA ASP A 296 -16.28 17.33 -26.42
C ASP A 296 -16.33 15.81 -26.42
N GLU A 297 -17.15 15.20 -27.29
CA GLU A 297 -17.13 13.76 -27.39
C GLU A 297 -15.86 13.30 -28.10
N LEU A 298 -15.34 14.10 -29.02
CA LEU A 298 -14.08 13.73 -29.65
C LEU A 298 -12.92 13.80 -28.66
N VAL A 299 -12.88 14.84 -27.82
CA VAL A 299 -11.79 14.98 -26.85
C VAL A 299 -11.84 13.83 -25.82
N THR A 300 -13.04 13.41 -25.42
CA THR A 300 -13.15 12.24 -24.55
C THR A 300 -12.69 10.96 -25.27
N PHE A 301 -12.97 10.82 -26.57
CA PHE A 301 -12.43 9.69 -27.31
C PHE A 301 -10.90 9.71 -27.30
N LEU A 302 -10.31 10.90 -27.46
CA LEU A 302 -8.86 10.99 -27.49
C LEU A 302 -8.24 10.45 -26.20
N PHE A 303 -8.92 10.59 -25.07
CA PHE A 303 -8.40 10.14 -23.79
C PHE A 303 -8.71 8.67 -23.49
N SER A 304 -9.58 8.03 -24.26
CA SER A 304 -10.18 6.76 -23.86
C SER A 304 -9.29 5.57 -24.22
N LYS A 305 -9.58 4.42 -23.60
CA LYS A 305 -8.85 3.19 -23.94
C LYS A 305 -9.05 2.76 -25.40
N GLU A 306 -10.14 3.19 -26.04
CA GLU A 306 -10.31 2.87 -27.46
C GLU A 306 -9.26 3.58 -28.30
N ASN A 307 -8.57 4.55 -27.72
CA ASN A 307 -7.52 5.31 -28.38
C ASN A 307 -6.15 5.05 -27.77
N SER A 308 -6.00 3.95 -27.03
CA SER A 308 -4.75 3.66 -26.36
C SER A 308 -3.58 3.64 -27.34
N VAL A 309 -2.41 4.08 -26.86
CA VAL A 309 -1.16 3.91 -27.58
C VAL A 309 -0.78 2.44 -27.72
N TRP A 310 -1.36 1.56 -26.88
CA TRP A 310 -1.02 0.16 -26.86
C TRP A 310 -1.93 -0.63 -27.79
N ASN A 311 -1.36 -1.26 -28.80
CA ASN A 311 -2.12 -1.99 -29.82
C ASN A 311 -2.64 -3.29 -29.21
N SER A 312 -3.94 -3.32 -28.91
CA SER A 312 -4.55 -4.47 -28.22
C SER A 312 -4.47 -5.76 -29.04
N GLN A 313 -4.17 -5.68 -30.34
CA GLN A 313 -3.93 -6.90 -31.11
C GLN A 313 -2.80 -7.73 -30.50
N LEU A 314 -1.88 -7.09 -29.77
CA LEU A 314 -0.76 -7.83 -29.21
C LEU A 314 -1.08 -8.48 -27.88
N ASP A 315 -2.31 -8.31 -27.37
CA ASP A 315 -2.75 -9.05 -26.19
C ASP A 315 -3.04 -10.51 -26.47
N ALA A 316 -3.01 -10.95 -27.72
CA ALA A 316 -3.25 -12.33 -28.05
C ALA A 316 -1.94 -13.11 -28.07
N VAL A 317 -2.01 -14.40 -27.71
CA VAL A 317 -0.84 -15.26 -27.88
C VAL A 317 -0.57 -15.46 -29.36
N CYS A 318 0.72 -15.44 -29.74
CA CYS A 318 1.09 -15.81 -31.10
C CYS A 318 1.71 -17.20 -31.05
N PRO A 319 0.97 -18.27 -31.39
CA PRO A 319 1.53 -19.62 -31.29
C PRO A 319 2.74 -19.83 -32.18
N GLU A 320 2.84 -19.07 -33.28
CA GLU A 320 3.98 -19.17 -34.18
C GLU A 320 5.29 -18.84 -33.47
N THR A 321 5.26 -17.94 -32.47
CA THR A 321 6.45 -17.54 -31.74
C THR A 321 6.73 -18.42 -30.52
N MET A 322 6.00 -19.53 -30.36
CA MET A 322 6.17 -20.43 -29.22
C MET A 322 6.78 -21.77 -29.62
N ASN A 323 7.66 -21.78 -30.63
CA ASN A 323 8.29 -23.00 -31.13
C ASN A 323 9.80 -23.07 -30.89
N ASN A 324 10.40 -22.05 -30.28
CA ASN A 324 11.82 -22.16 -29.94
C ASN A 324 11.96 -22.96 -28.65
N PRO A 325 13.16 -23.48 -28.37
CA PRO A 325 13.42 -24.11 -27.07
C PRO A 325 13.16 -23.14 -25.92
N LEU A 326 12.82 -23.72 -24.77
CA LEU A 326 12.44 -22.93 -23.61
C LEU A 326 13.52 -21.90 -23.29
N SER A 327 14.78 -22.23 -23.57
CA SER A 327 15.88 -21.35 -23.22
C SER A 327 15.83 -20.03 -23.97
N HIS A 328 15.04 -19.94 -25.04
CA HIS A 328 14.93 -18.73 -25.84
C HIS A 328 13.88 -17.75 -25.35
N TYR A 329 13.22 -18.03 -24.23
CA TYR A 329 12.08 -17.25 -23.79
C TYR A 329 12.38 -16.56 -22.47
N TRP A 330 11.77 -15.40 -22.28
CA TRP A 330 11.68 -14.78 -20.97
C TRP A 330 10.43 -15.35 -20.33
N ILE A 331 10.57 -15.85 -19.10
CA ILE A 331 9.50 -16.59 -18.43
C ILE A 331 9.15 -15.89 -17.12
N SER A 332 7.88 -15.52 -16.98
CA SER A 332 7.43 -14.74 -15.83
C SER A 332 7.63 -15.52 -14.54
N SER A 333 8.39 -14.94 -13.59
CA SER A 333 8.96 -15.74 -12.51
C SER A 333 8.85 -15.05 -11.15
N SER A 334 8.44 -15.82 -10.16
CA SER A 334 8.13 -15.32 -8.83
C SER A 334 9.14 -15.83 -7.83
N HIS A 335 9.47 -15.01 -6.84
CA HIS A 335 10.39 -15.38 -5.77
C HIS A 335 9.58 -15.60 -4.50
N ASN A 336 9.84 -16.69 -3.79
CA ASN A 336 9.15 -17.03 -2.53
C ASN A 336 7.66 -16.69 -2.64
N THR A 337 7.01 -17.37 -3.58
CA THR A 337 5.64 -17.05 -3.99
C THR A 337 4.64 -17.12 -2.84
N TYR A 338 4.90 -17.96 -1.83
CA TYR A 338 3.99 -18.11 -0.70
C TYR A 338 3.81 -16.81 0.11
N LEU A 339 4.73 -15.84 0.01
CA LEU A 339 4.75 -14.71 0.93
C LEU A 339 3.86 -13.56 0.45
N THR A 340 3.16 -12.92 1.40
CA THR A 340 2.32 -11.76 1.08
C THR A 340 3.00 -10.43 1.37
N GLY A 341 3.96 -10.40 2.30
CA GLY A 341 4.64 -9.16 2.65
C GLY A 341 6.15 -9.32 2.70
N ASP A 342 6.81 -8.86 3.76
CA ASP A 342 8.26 -8.91 3.80
C ASP A 342 8.73 -10.36 4.02
N GLN A 343 10.06 -10.58 4.01
CA GLN A 343 10.61 -11.93 4.07
C GLN A 343 10.71 -12.50 5.50
N PHE A 344 10.39 -11.73 6.53
CA PHE A 344 10.69 -12.16 7.89
C PHE A 344 9.48 -12.44 8.76
N PHE A 345 8.38 -11.68 8.61
CA PHE A 345 7.25 -11.77 9.52
C PHE A 345 5.90 -11.82 8.82
N SER A 346 5.84 -11.61 7.52
CA SER A 346 4.57 -11.61 6.80
C SER A 346 3.96 -13.02 6.76
N GLU A 347 2.72 -13.08 6.28
CA GLU A 347 1.95 -14.31 6.21
C GLU A 347 2.22 -15.05 4.92
N SER A 348 2.36 -16.38 5.03
CA SER A 348 2.30 -17.24 3.85
C SER A 348 0.84 -17.50 3.53
N SER A 349 0.46 -17.28 2.28
CA SER A 349 -0.92 -17.44 1.87
C SER A 349 -0.99 -18.31 0.64
N LEU A 350 -1.97 -19.23 0.63
CA LEU A 350 -2.36 -19.89 -0.63
C LEU A 350 -2.80 -18.88 -1.68
N GLU A 351 -3.41 -17.75 -1.25
CA GLU A 351 -3.92 -16.78 -2.21
C GLU A 351 -2.82 -16.12 -3.02
N ALA A 352 -1.59 -16.09 -2.52
CA ALA A 352 -0.51 -15.52 -3.32
C ALA A 352 -0.18 -16.41 -4.53
N TYR A 353 -0.22 -17.73 -4.36
CA TYR A 353 -0.04 -18.64 -5.51
C TYR A 353 -1.12 -18.41 -6.55
N ALA A 354 -2.38 -18.35 -6.12
CA ALA A 354 -3.48 -18.04 -7.02
C ALA A 354 -3.25 -16.71 -7.73
N ARG A 355 -2.95 -15.65 -6.98
CA ARG A 355 -2.79 -14.32 -7.56
C ARG A 355 -1.66 -14.31 -8.58
N CYS A 356 -0.50 -14.88 -8.23
CA CYS A 356 0.66 -14.88 -9.13
C CYS A 356 0.38 -15.68 -10.39
N LEU A 357 -0.20 -16.85 -10.24
CA LEU A 357 -0.56 -17.64 -11.41
C LEU A 357 -1.55 -16.88 -12.28
N ARG A 358 -2.52 -16.22 -11.66
CA ARG A 358 -3.51 -15.52 -12.46
C ARG A 358 -2.97 -14.21 -13.03
N MET A 359 -1.82 -13.71 -12.54
CA MET A 359 -1.07 -12.66 -13.22
C MET A 359 -0.19 -13.18 -14.36
N GLY A 360 -0.25 -14.46 -14.66
CA GLY A 360 0.49 -14.99 -15.79
C GLY A 360 1.85 -15.53 -15.45
N CYS A 361 2.23 -15.47 -14.17
CA CYS A 361 3.49 -16.04 -13.73
C CYS A 361 3.51 -17.52 -14.07
N ARG A 362 4.67 -18.01 -14.49
CA ARG A 362 4.79 -19.39 -14.91
C ARG A 362 5.84 -20.15 -14.13
N CYS A 363 6.63 -19.48 -13.28
CA CYS A 363 7.62 -20.14 -12.43
C CYS A 363 7.42 -19.67 -11.00
N ILE A 364 6.98 -20.58 -10.12
CA ILE A 364 6.69 -20.25 -8.73
C ILE A 364 7.56 -21.10 -7.82
N GLU A 365 7.59 -20.75 -6.55
CA GLU A 365 8.60 -21.24 -5.61
C GLU A 365 7.95 -21.82 -4.36
N LEU A 366 8.47 -22.96 -3.92
CA LEU A 366 8.01 -23.62 -2.70
C LEU A 366 9.23 -23.85 -1.82
N ASP A 367 9.21 -23.31 -0.60
CA ASP A 367 10.17 -23.67 0.44
C ASP A 367 9.50 -24.71 1.34
N CYS A 368 9.94 -25.96 1.23
CA CYS A 368 9.31 -27.09 1.93
C CYS A 368 10.13 -27.52 3.14
N TRP A 369 9.45 -27.63 4.29
CA TRP A 369 10.03 -28.10 5.54
C TRP A 369 9.14 -29.18 6.14
N ASP A 370 9.75 -30.06 6.94
CA ASP A 370 9.00 -31.11 7.64
C ASP A 370 7.82 -30.49 8.40
N GLY A 371 6.62 -30.98 8.13
CA GLY A 371 5.43 -30.49 8.78
C GLY A 371 4.96 -31.38 9.91
N PRO A 372 3.98 -30.92 10.69
CA PRO A 372 3.64 -31.64 11.94
C PRO A 372 3.19 -33.09 11.73
N ASP A 373 2.52 -33.41 10.62
CA ASP A 373 1.79 -34.67 10.51
C ASP A 373 2.27 -35.53 9.34
N GLY A 374 3.59 -35.62 9.15
CA GLY A 374 4.14 -36.34 8.02
C GLY A 374 4.11 -35.60 6.71
N MET A 375 3.58 -34.37 6.67
CA MET A 375 3.36 -33.64 5.42
C MET A 375 4.04 -32.27 5.49
N PRO A 376 4.79 -31.87 4.47
CA PRO A 376 5.58 -30.64 4.58
C PRO A 376 4.72 -29.39 4.70
N VAL A 377 5.24 -28.41 5.44
CA VAL A 377 4.69 -27.08 5.47
C VAL A 377 5.55 -26.18 4.59
N ILE A 378 4.98 -25.09 4.12
CA ILE A 378 5.71 -24.12 3.30
C ILE A 378 5.77 -22.81 4.07
N TYR A 379 6.98 -22.32 4.29
CA TYR A 379 7.23 -21.06 4.96
C TYR A 379 8.70 -20.70 4.72
N HIS A 380 9.09 -19.50 5.12
CA HIS A 380 10.47 -19.05 4.91
C HIS A 380 11.29 -19.44 6.12
N GLY A 381 12.25 -20.35 5.93
CA GLY A 381 12.98 -20.92 7.04
C GLY A 381 13.74 -19.87 7.83
N HIS A 382 13.84 -20.11 9.13
CA HIS A 382 14.55 -19.26 10.07
C HIS A 382 13.89 -17.89 10.22
N THR A 383 12.60 -17.80 9.96
CA THR A 383 11.86 -16.55 10.11
C THR A 383 10.52 -16.87 10.76
N LEU A 384 9.74 -15.80 10.94
CA LEU A 384 8.44 -15.83 11.59
C LEU A 384 7.29 -15.75 10.59
N THR A 385 7.55 -16.02 9.32
CA THR A 385 6.45 -16.12 8.37
C THR A 385 5.58 -17.33 8.69
N THR A 386 4.27 -17.19 8.50
CA THR A 386 3.37 -18.25 8.92
C THR A 386 3.56 -19.48 8.03
N LYS A 387 3.04 -20.62 8.48
CA LYS A 387 3.17 -21.87 7.73
C LYS A 387 1.84 -22.22 7.07
N ILE A 388 1.93 -22.71 5.83
CA ILE A 388 0.80 -23.31 5.14
C ILE A 388 1.19 -24.74 4.76
N LYS A 389 0.18 -25.54 4.41
CA LYS A 389 0.39 -26.96 4.19
C LYS A 389 0.72 -27.23 2.72
N PHE A 390 1.56 -28.25 2.50
CA PHE A 390 1.97 -28.61 1.14
C PHE A 390 0.79 -29.08 0.30
N SER A 391 -0.19 -29.73 0.92
CA SER A 391 -1.31 -30.24 0.14
C SER A 391 -2.22 -29.11 -0.32
N ASP A 392 -2.45 -28.12 0.55
CA ASP A 392 -3.27 -26.97 0.16
C ASP A 392 -2.56 -26.14 -0.90
N VAL A 393 -1.24 -26.03 -0.84
CA VAL A 393 -0.51 -25.34 -1.89
C VAL A 393 -0.66 -26.09 -3.20
N LEU A 394 -0.54 -27.41 -3.17
CA LEU A 394 -0.59 -28.16 -4.43
C LEU A 394 -1.97 -28.09 -5.07
N HIS A 395 -3.03 -28.10 -4.26
CA HIS A 395 -4.37 -28.00 -4.83
C HIS A 395 -4.61 -26.60 -5.39
N THR A 396 -4.08 -25.57 -4.71
CA THR A 396 -4.14 -24.21 -5.24
C THR A 396 -3.42 -24.13 -6.58
N ILE A 397 -2.26 -24.76 -6.70
CA ILE A 397 -1.54 -24.69 -7.97
C ILE A 397 -2.31 -25.42 -9.05
N LYS A 398 -2.76 -26.66 -8.77
CA LYS A 398 -3.53 -27.39 -9.76
C LYS A 398 -4.74 -26.61 -10.18
N GLU A 399 -5.43 -25.98 -9.21
CA GLU A 399 -6.63 -25.19 -9.48
C GLU A 399 -6.38 -23.99 -10.40
N HIS A 400 -5.30 -23.25 -10.19
CA HIS A 400 -5.13 -21.98 -10.89
C HIS A 400 -4.00 -21.96 -11.91
N ALA A 401 -3.30 -23.08 -12.12
CA ALA A 401 -2.09 -23.04 -12.95
C ALA A 401 -2.40 -22.57 -14.35
N PHE A 402 -3.56 -22.95 -14.90
CA PHE A 402 -3.79 -22.69 -16.32
C PHE A 402 -5.00 -21.79 -16.54
N VAL A 403 -5.47 -21.10 -15.49
CA VAL A 403 -6.54 -20.13 -15.66
C VAL A 403 -6.10 -19.01 -16.61
N ALA A 404 -4.86 -18.52 -16.44
CA ALA A 404 -4.35 -17.38 -17.20
C ALA A 404 -3.51 -17.76 -18.41
N SER A 405 -3.10 -19.02 -18.56
CA SER A 405 -2.23 -19.36 -19.68
C SER A 405 -2.21 -20.85 -19.93
N GLU A 406 -2.04 -21.23 -21.20
CA GLU A 406 -1.91 -22.63 -21.57
C GLU A 406 -0.51 -23.17 -21.32
N TYR A 407 0.50 -22.26 -21.06
CA TYR A 407 1.90 -22.59 -21.20
C TYR A 407 2.51 -23.06 -19.89
N PRO A 408 3.58 -23.86 -19.93
CA PRO A 408 3.95 -24.68 -18.78
C PRO A 408 4.34 -23.89 -17.53
N VAL A 409 4.02 -24.46 -16.38
CA VAL A 409 4.40 -23.91 -15.08
C VAL A 409 5.60 -24.69 -14.55
N ILE A 410 6.57 -23.98 -13.97
CA ILE A 410 7.72 -24.60 -13.33
C ILE A 410 7.64 -24.35 -11.83
N LEU A 411 7.70 -25.43 -11.05
CA LEU A 411 7.73 -25.36 -9.58
C LEU A 411 9.17 -25.48 -9.12
N SER A 412 9.79 -24.36 -8.76
CA SER A 412 11.12 -24.39 -8.15
C SER A 412 11.00 -24.72 -6.67
N ILE A 413 11.53 -25.88 -6.24
CA ILE A 413 11.39 -26.36 -4.87
C ILE A 413 12.72 -26.23 -4.14
N GLU A 414 12.77 -25.35 -3.16
CA GLU A 414 13.84 -25.35 -2.17
C GLU A 414 13.42 -26.33 -1.07
N ASP A 415 14.19 -27.38 -0.89
CA ASP A 415 13.73 -28.51 -0.10
C ASP A 415 14.68 -28.75 1.07
N HIS A 416 14.14 -28.67 2.29
CA HIS A 416 14.85 -29.00 3.53
C HIS A 416 14.18 -30.17 4.25
N CYS A 417 13.39 -30.96 3.55
CA CYS A 417 12.61 -32.03 4.18
C CYS A 417 13.44 -33.29 4.39
N SER A 418 13.00 -34.09 5.35
CA SER A 418 13.56 -35.40 5.52
C SER A 418 13.07 -36.32 4.40
N ILE A 419 13.81 -37.42 4.19
CA ILE A 419 13.60 -38.29 3.04
C ILE A 419 12.17 -38.80 2.98
N ALA A 420 11.65 -39.23 4.13
CA ALA A 420 10.29 -39.75 4.17
C ALA A 420 9.28 -38.72 3.69
N GLN A 421 9.39 -37.49 4.18
CA GLN A 421 8.44 -36.47 3.77
C GLN A 421 8.65 -36.04 2.33
N GLN A 422 9.90 -36.05 1.84
CA GLN A 422 10.10 -35.91 0.41
C GLN A 422 9.32 -36.98 -0.34
N ARG A 423 9.31 -38.20 0.18
CA ARG A 423 8.61 -39.30 -0.49
C ARG A 423 7.11 -39.04 -0.54
N ASN A 424 6.51 -38.53 0.55
CA ASN A 424 5.09 -38.15 0.50
C ASN A 424 4.85 -37.00 -0.46
N MET A 425 5.81 -36.09 -0.57
CA MET A 425 5.69 -35.06 -1.59
C MET A 425 5.58 -35.69 -2.96
N ALA A 426 6.48 -36.61 -3.28
CA ALA A 426 6.50 -37.18 -4.62
C ALA A 426 5.21 -37.92 -4.90
N GLN A 427 4.73 -38.70 -3.94
CA GLN A 427 3.48 -39.43 -4.16
C GLN A 427 2.33 -38.47 -4.39
N HIS A 428 2.29 -37.37 -3.62
CA HIS A 428 1.25 -36.36 -3.77
C HIS A 428 1.35 -35.62 -5.11
N PHE A 429 2.56 -35.34 -5.59
CA PHE A 429 2.68 -34.71 -6.91
C PHE A 429 2.05 -35.61 -7.97
N ARG A 430 2.46 -36.88 -8.01
CA ARG A 430 1.96 -37.77 -9.05
C ARG A 430 0.46 -37.98 -8.93
N LYS A 431 -0.04 -38.13 -7.70
CA LYS A 431 -1.46 -38.47 -7.52
C LYS A 431 -2.36 -37.27 -7.81
N VAL A 432 -1.98 -36.07 -7.36
CA VAL A 432 -2.86 -34.92 -7.52
C VAL A 432 -2.77 -34.35 -8.93
N LEU A 433 -1.55 -34.15 -9.43
CA LEU A 433 -1.37 -33.48 -10.72
C LEU A 433 -1.63 -34.42 -11.88
N GLY A 434 -1.45 -35.71 -11.67
CA GLY A 434 -1.81 -36.67 -12.70
C GLY A 434 -0.97 -36.52 -13.94
N ASP A 435 -1.63 -36.53 -15.10
CA ASP A 435 -0.93 -36.26 -16.36
C ASP A 435 -0.55 -34.80 -16.56
N THR A 436 -1.00 -33.91 -15.71
CA THR A 436 -0.47 -32.56 -15.78
C THR A 436 1.02 -32.56 -15.52
N LEU A 437 1.50 -33.42 -14.61
CA LEU A 437 2.91 -33.46 -14.23
C LEU A 437 3.76 -33.97 -15.39
N LEU A 438 4.85 -33.26 -15.71
CA LEU A 438 5.84 -33.80 -16.64
C LEU A 438 6.68 -34.82 -15.91
N THR A 439 6.73 -36.05 -16.44
CA THR A 439 7.41 -37.12 -15.74
C THR A 439 8.43 -37.87 -16.59
N LYS A 440 8.54 -37.57 -17.89
CA LYS A 440 9.56 -38.13 -18.76
C LYS A 440 9.88 -37.11 -19.85
N PRO A 441 11.05 -37.22 -20.49
CA PRO A 441 11.41 -36.22 -21.52
C PRO A 441 10.46 -36.21 -22.70
N VAL A 442 10.34 -35.05 -23.32
CA VAL A 442 9.52 -34.91 -24.52
C VAL A 442 10.19 -35.57 -25.71
N ASP A 443 11.51 -35.52 -25.76
CA ASP A 443 12.27 -36.00 -26.93
C ASP A 443 13.62 -36.49 -26.41
N ILE A 444 13.85 -37.81 -26.45
CA ILE A 444 15.10 -38.36 -25.87
C ILE A 444 16.31 -38.22 -26.78
N ALA A 445 16.12 -37.83 -28.04
CA ALA A 445 17.23 -37.57 -28.96
C ALA A 445 17.47 -36.08 -29.19
N ALA A 446 16.79 -35.22 -28.43
CA ALA A 446 16.92 -33.79 -28.65
C ALA A 446 18.25 -33.26 -28.11
N ASP A 447 18.67 -32.13 -28.69
CA ASP A 447 19.85 -31.41 -28.25
C ASP A 447 19.49 -30.02 -27.72
N GLY A 448 18.24 -29.84 -27.29
CA GLY A 448 17.78 -28.54 -26.83
C GLY A 448 16.51 -28.73 -26.04
N LEU A 449 16.24 -27.77 -25.17
CA LEU A 449 15.03 -27.82 -24.38
C LEU A 449 13.81 -27.89 -25.29
N PRO A 450 12.70 -28.45 -24.81
CA PRO A 450 11.47 -28.45 -25.62
C PRO A 450 10.86 -27.05 -25.68
N SER A 451 10.01 -26.87 -26.68
CA SER A 451 9.33 -25.59 -26.87
C SER A 451 8.21 -25.37 -25.85
N PRO A 452 7.79 -24.11 -25.65
CA PRO A 452 6.57 -23.87 -24.86
C PRO A 452 5.34 -24.57 -25.42
N ASN A 453 5.19 -24.62 -26.75
CA ASN A 453 4.06 -25.32 -27.33
C ASN A 453 4.04 -26.80 -26.94
N GLN A 454 5.21 -27.46 -27.00
CA GLN A 454 5.31 -28.88 -26.67
C GLN A 454 5.05 -29.18 -25.21
N LEU A 455 4.98 -28.16 -24.35
CA LEU A 455 4.87 -28.36 -22.91
C LEU A 455 3.57 -27.78 -22.36
N LYS A 456 2.61 -27.51 -23.25
CA LYS A 456 1.35 -26.91 -22.84
C LYS A 456 0.63 -27.79 -21.85
N ARG A 457 0.11 -27.16 -20.81
CA ARG A 457 -0.67 -27.82 -19.75
C ARG A 457 0.16 -28.82 -18.96
N LYS A 458 1.49 -28.73 -19.05
CA LYS A 458 2.39 -29.54 -18.23
C LYS A 458 2.99 -28.70 -17.12
N ILE A 459 3.16 -29.33 -15.95
CA ILE A 459 3.82 -28.71 -14.81
C ILE A 459 5.12 -29.46 -14.60
N LEU A 460 6.22 -28.71 -14.50
CA LEU A 460 7.57 -29.27 -14.38
C LEU A 460 8.06 -29.08 -12.96
N ILE A 461 8.87 -30.02 -12.46
CA ILE A 461 9.40 -29.99 -11.10
C ILE A 461 10.89 -29.62 -11.16
N LYS A 462 11.29 -28.58 -10.42
CA LYS A 462 12.69 -28.14 -10.36
C LYS A 462 13.20 -28.41 -8.95
N HIS A 463 14.14 -29.35 -8.84
CA HIS A 463 14.54 -29.90 -7.55
C HIS A 463 15.90 -30.52 -7.77
N LYS A 464 16.67 -30.65 -6.69
CA LYS A 464 17.94 -31.37 -6.79
C LYS A 464 17.68 -32.79 -7.24
N LYS A 465 18.44 -33.25 -8.23
CA LYS A 465 18.31 -34.60 -8.76
C LYS A 465 19.51 -35.44 -8.32
N LEU A 466 19.24 -36.67 -7.90
CA LEU A 466 20.31 -37.57 -7.49
C LEU A 466 21.21 -37.89 -8.68
N ALA A 467 22.51 -38.05 -8.40
CA ALA A 467 23.37 -38.78 -9.34
C ALA A 467 22.82 -40.18 -9.53
N GLU A 468 22.83 -40.65 -10.78
CA GLU A 468 22.17 -41.91 -11.12
C GLU A 468 22.78 -43.08 -10.37
N GLY A 469 21.99 -43.72 -9.51
CA GLY A 469 22.46 -44.80 -8.68
C GLY A 469 23.00 -44.37 -7.32
N SER A 470 23.18 -43.08 -7.08
CA SER A 470 23.66 -42.57 -5.81
C SER A 470 22.47 -42.20 -4.91
N ALA A 471 22.76 -41.82 -3.66
CA ALA A 471 21.74 -41.42 -2.70
C ALA A 471 21.94 -40.02 -2.12
N TYR A 472 23.14 -39.45 -2.21
CA TYR A 472 23.31 -38.01 -2.12
C TYR A 472 23.28 -37.40 -3.51
N GLU A 473 22.76 -36.19 -3.62
CA GLU A 473 23.00 -35.41 -4.81
C GLU A 473 24.47 -35.01 -4.85
N GLU A 474 25.02 -34.91 -6.06
CA GLU A 474 26.35 -34.36 -6.21
C GLU A 474 26.36 -32.89 -5.77
N VAL A 475 27.21 -32.57 -4.79
CA VAL A 475 27.35 -31.20 -4.32
C VAL A 475 28.76 -30.68 -4.62
N PRO A 476 29.08 -30.29 -5.88
CA PRO A 476 30.33 -29.57 -6.17
C PRO A 476 30.22 -28.05 -6.04
N THR A 477 29.56 -27.59 -4.98
CA THR A 477 29.42 -26.16 -4.68
C THR A 477 30.23 -25.86 -3.43
N SER A 478 31.34 -25.15 -3.60
CA SER A 478 32.25 -24.80 -2.50
C SER A 478 32.16 -23.29 -2.28
N VAL A 479 31.16 -22.86 -1.50
CA VAL A 479 31.01 -21.47 -1.10
C VAL A 479 30.77 -21.47 0.41
N MET A 480 31.87 -21.39 1.18
CA MET A 480 31.81 -21.13 2.61
C MET A 480 31.96 -19.64 2.90
N TYR A 481 31.81 -18.82 1.87
CA TYR A 481 31.52 -17.40 2.05
C TYR A 481 30.08 -17.32 2.54
N SER A 482 29.89 -17.45 3.85
CA SER A 482 28.56 -17.31 4.42
C SER A 482 28.00 -15.96 4.02
N GLU A 483 26.76 -15.97 3.53
CA GLU A 483 26.24 -14.81 2.85
C GLU A 483 25.97 -13.63 3.79
N ASN A 484 25.84 -13.89 5.10
CA ASN A 484 25.39 -12.86 6.05
C ASN A 484 23.97 -12.41 5.71
N ASP A 485 23.04 -13.36 5.79
CA ASP A 485 21.61 -13.13 5.74
C ASP A 485 20.93 -13.85 6.90
N ILE A 486 19.60 -13.77 6.95
CA ILE A 486 18.87 -14.49 7.98
C ILE A 486 19.00 -16.00 7.88
N SER A 487 19.43 -16.56 6.72
CA SER A 487 19.67 -18.00 6.61
C SER A 487 20.91 -18.49 7.34
N ASN A 488 21.89 -17.63 7.59
CA ASN A 488 23.20 -18.05 8.07
C ASN A 488 23.55 -17.46 9.43
N SER A 489 22.57 -17.19 10.26
CA SER A 489 22.78 -16.46 11.49
C SER A 489 22.49 -17.34 12.70
N ILE A 490 23.01 -16.93 13.85
CA ILE A 490 22.81 -17.72 15.06
C ILE A 490 21.35 -17.72 15.49
N LYS A 491 20.69 -16.57 15.45
CA LYS A 491 19.29 -16.48 15.84
C LYS A 491 18.65 -15.26 15.20
N ASN A 492 17.38 -15.40 14.81
CA ASN A 492 16.56 -14.31 14.29
C ASN A 492 15.31 -14.24 15.13
N GLY A 493 14.73 -13.05 15.25
CA GLY A 493 13.45 -12.96 15.93
C GLY A 493 12.99 -11.54 16.05
N ILE A 494 11.81 -11.39 16.65
CA ILE A 494 11.21 -10.10 16.93
C ILE A 494 11.35 -9.84 18.43
N LEU A 495 11.87 -8.67 18.79
CA LEU A 495 12.05 -8.23 20.16
C LEU A 495 11.55 -6.80 20.28
N TYR A 496 11.36 -6.34 21.51
CA TYR A 496 10.72 -5.05 21.77
C TYR A 496 11.67 -4.08 22.46
N LEU A 497 11.68 -2.83 21.99
CA LEU A 497 12.54 -1.78 22.53
C LEU A 497 11.67 -0.65 23.01
N GLU A 498 12.01 -0.08 24.14
CA GLU A 498 11.23 1.01 24.70
C GLU A 498 11.48 2.29 23.92
N ASP A 499 10.40 2.94 23.50
CA ASP A 499 10.51 4.28 22.95
C ASP A 499 10.90 5.24 24.06
N PRO A 500 11.95 6.05 23.89
CA PRO A 500 12.36 6.97 24.98
C PRO A 500 11.47 8.19 25.15
N VAL A 501 10.57 8.47 24.21
CA VAL A 501 9.72 9.64 24.29
C VAL A 501 8.33 9.29 24.82
N ASN A 502 7.68 8.25 24.31
CA ASN A 502 6.41 7.87 24.90
C ASN A 502 6.45 6.62 25.77
N HIS A 503 7.57 5.89 25.79
CA HIS A 503 7.81 4.75 26.69
C HIS A 503 6.91 3.54 26.38
N GLU A 504 6.29 3.51 25.21
CA GLU A 504 5.71 2.29 24.69
C GLU A 504 6.81 1.33 24.27
N TRP A 505 6.46 0.04 24.24
CA TRP A 505 7.32 -0.98 23.65
C TRP A 505 6.94 -1.19 22.20
N TYR A 506 7.93 -1.18 21.31
CA TYR A 506 7.63 -1.44 19.91
C TYR A 506 8.46 -2.61 19.41
N PRO A 507 7.95 -3.38 18.44
CA PRO A 507 8.69 -4.52 17.87
C PRO A 507 9.77 -4.11 16.88
N HIS A 508 10.91 -4.81 16.94
CA HIS A 508 12.00 -4.64 15.98
C HIS A 508 12.52 -6.00 15.59
N TYR A 509 13.00 -6.10 14.35
CA TYR A 509 13.64 -7.31 13.89
C TYR A 509 15.06 -7.34 14.41
N PHE A 510 15.43 -8.42 15.11
CA PHE A 510 16.80 -8.61 15.57
C PHE A 510 17.43 -9.82 14.87
N VAL A 511 18.71 -9.69 14.53
CA VAL A 511 19.50 -10.75 13.90
C VAL A 511 20.85 -10.81 14.60
N LEU A 512 21.15 -11.95 15.23
CA LEU A 512 22.43 -12.18 15.86
C LEU A 512 23.29 -13.04 14.95
N THR A 513 24.43 -12.51 14.51
CA THR A 513 25.42 -13.27 13.77
C THR A 513 26.50 -13.71 14.75
N SER A 514 27.60 -14.25 14.23
CA SER A 514 28.69 -14.66 15.10
C SER A 514 29.51 -13.49 15.65
N SER A 515 29.35 -12.31 15.12
CA SER A 515 30.05 -11.14 15.63
C SER A 515 29.11 -10.02 16.08
N LYS A 516 27.99 -9.82 15.42
CA LYS A 516 27.18 -8.63 15.62
C LYS A 516 25.73 -8.98 15.93
N ILE A 517 25.01 -7.98 16.44
CA ILE A 517 23.56 -7.96 16.52
C ILE A 517 23.10 -6.81 15.65
N TYR A 518 22.21 -7.08 14.70
CA TYR A 518 21.61 -6.04 13.88
C TYR A 518 20.18 -5.86 14.33
N TYR A 519 19.80 -4.64 14.70
CA TYR A 519 18.41 -4.38 15.00
C TYR A 519 17.85 -3.36 14.03
N SER A 520 16.59 -3.54 13.66
CA SER A 520 15.95 -2.86 12.56
C SER A 520 15.20 -1.62 13.03
N GLU A 521 14.68 -0.87 12.06
CA GLU A 521 13.70 0.16 12.37
C GLU A 521 12.44 -0.53 12.87
N GLU A 522 11.61 0.22 13.60
CA GLU A 522 10.45 -0.42 14.20
C GLU A 522 9.52 -0.92 13.10
N THR A 523 8.82 -2.02 13.38
CA THR A 523 8.08 -2.79 12.40
C THR A 523 6.58 -2.70 12.61
N SER A 524 5.85 -2.87 11.50
CA SER A 524 4.37 -2.87 11.44
C SER A 524 3.73 -1.86 12.40
N HIS A 545 -23.54 14.99 28.83
CA HIS A 545 -23.81 16.05 27.84
C HIS A 545 -22.51 16.75 27.34
N SER A 546 -21.37 16.47 27.99
CA SER A 546 -20.12 17.18 27.73
C SER A 546 -19.49 16.86 26.38
N SER A 547 -19.84 15.73 25.75
CA SER A 547 -19.33 15.40 24.43
C SER A 547 -20.16 16.03 23.31
N GLU A 548 -21.24 16.73 23.64
CA GLU A 548 -22.19 17.19 22.64
C GLU A 548 -21.64 18.38 21.86
N LYS A 549 -21.88 18.37 20.54
CA LYS A 549 -21.34 19.43 19.70
C LYS A 549 -21.81 20.80 20.15
N TRP A 550 -23.03 20.88 20.70
CA TRP A 550 -23.63 22.14 21.10
C TRP A 550 -23.23 22.62 22.50
N PHE A 551 -22.39 21.88 23.24
CA PHE A 551 -22.05 22.29 24.61
C PHE A 551 -20.65 22.89 24.63
N HIS A 552 -20.56 24.21 24.74
CA HIS A 552 -19.27 24.87 24.67
C HIS A 552 -18.66 25.11 26.03
N GLY A 553 -19.25 24.57 27.10
CA GLY A 553 -18.63 24.70 28.42
C GLY A 553 -18.56 26.16 28.87
N LYS A 554 -17.55 26.47 29.66
CA LYS A 554 -17.37 27.82 30.18
C LYS A 554 -16.59 28.66 29.14
N LEU A 555 -17.21 29.74 28.66
CA LEU A 555 -16.57 30.61 27.69
C LEU A 555 -15.93 31.84 28.31
N GLY A 556 -16.39 32.26 29.49
CA GLY A 556 -15.76 33.37 30.18
C GLY A 556 -16.50 33.58 31.48
N ALA A 557 -16.01 34.55 32.25
CA ALA A 557 -16.52 34.78 33.60
C ALA A 557 -17.60 35.86 33.67
N GLY A 558 -17.67 36.76 32.70
CA GLY A 558 -18.67 37.82 32.72
C GLY A 558 -19.23 38.20 31.36
N ARG A 559 -19.28 39.50 31.06
CA ARG A 559 -19.67 39.95 29.73
C ARG A 559 -18.81 39.33 28.62
N ASP A 560 -17.54 38.99 28.93
CA ASP A 560 -16.68 38.40 27.92
C ASP A 560 -17.26 37.09 27.42
N GLY A 561 -17.79 36.27 28.34
CA GLY A 561 -18.46 35.03 27.94
C GLY A 561 -19.68 35.26 27.05
N ARG A 562 -20.47 36.28 27.35
CA ARG A 562 -21.62 36.57 26.48
C ARG A 562 -21.17 37.04 25.11
N HIS A 563 -20.11 37.84 25.06
CA HIS A 563 -19.59 38.28 23.78
C HIS A 563 -19.00 37.13 22.97
N ILE A 564 -18.44 36.11 23.65
CA ILE A 564 -17.82 35.00 22.95
C ILE A 564 -18.90 34.15 22.28
N ALA A 565 -20.00 33.89 23.00
CA ALA A 565 -21.10 33.11 22.44
C ALA A 565 -21.72 33.81 21.23
N GLU A 566 -21.91 35.12 21.33
CA GLU A 566 -22.53 35.84 20.22
C GLU A 566 -21.61 35.87 19.00
N ARG A 567 -20.29 35.91 19.22
CA ARG A 567 -19.36 35.87 18.10
C ARG A 567 -19.39 34.49 17.42
N LEU A 568 -19.30 33.41 18.20
CA LEU A 568 -19.36 32.05 17.66
C LEU A 568 -20.63 31.82 16.87
N LEU A 569 -21.77 32.21 17.43
CA LEU A 569 -23.07 32.02 16.80
C LEU A 569 -23.21 32.90 15.57
N THR A 570 -22.77 34.15 15.67
CA THR A 570 -22.90 35.07 14.53
C THR A 570 -22.06 34.57 13.37
N GLU A 571 -20.78 34.30 13.64
CA GLU A 571 -19.87 33.91 12.57
C GLU A 571 -20.35 32.64 11.91
N TYR A 572 -20.79 31.64 12.71
CA TYR A 572 -21.25 30.38 12.15
C TYR A 572 -22.48 30.57 11.28
N CYS A 573 -23.40 31.43 11.71
CA CYS A 573 -24.64 31.60 10.97
C CYS A 573 -24.42 32.29 9.65
N ILE A 574 -23.71 33.44 9.66
CA ILE A 574 -23.44 34.20 8.43
C ILE A 574 -22.60 33.37 7.46
N GLU A 575 -21.55 32.70 7.95
CA GLU A 575 -20.61 32.00 7.07
C GLU A 575 -21.26 30.81 6.37
N THR A 576 -22.06 30.03 7.10
CA THR A 576 -22.68 28.83 6.55
C THR A 576 -24.12 29.05 6.09
N GLY A 577 -24.63 30.28 6.19
CA GLY A 577 -26.04 30.50 5.87
C GLY A 577 -26.92 29.62 6.73
N ALA A 578 -26.58 29.49 8.01
CA ALA A 578 -27.26 28.56 8.88
C ALA A 578 -28.70 28.98 9.08
N PRO A 579 -29.57 28.03 9.39
CA PRO A 579 -30.97 28.35 9.64
C PRO A 579 -31.20 28.95 11.01
N ASP A 580 -32.33 29.62 11.14
CA ASP A 580 -32.78 30.10 12.44
C ASP A 580 -33.01 28.94 13.39
N GLY A 581 -32.75 29.18 14.66
CA GLY A 581 -32.75 28.14 15.64
C GLY A 581 -31.40 27.53 15.91
N SER A 582 -30.40 27.79 15.06
CA SER A 582 -29.05 27.31 15.31
C SER A 582 -28.55 27.83 16.65
N PHE A 583 -27.91 26.96 17.43
CA PHE A 583 -27.75 27.25 18.84
C PHE A 583 -26.45 26.69 19.38
N LEU A 584 -26.06 27.18 20.57
CA LEU A 584 -25.05 26.59 21.42
C LEU A 584 -25.49 26.78 22.86
N VAL A 585 -24.85 26.04 23.78
CA VAL A 585 -25.11 26.13 25.21
C VAL A 585 -23.79 26.34 25.94
N ARG A 586 -23.80 27.18 26.97
CA ARG A 586 -22.60 27.49 27.74
C ARG A 586 -22.91 27.55 29.21
N GLU A 587 -21.87 27.47 30.03
CA GLU A 587 -22.05 27.68 31.45
C GLU A 587 -22.39 29.14 31.72
N SER A 588 -23.43 29.38 32.52
CA SER A 588 -23.86 30.74 32.86
C SER A 588 -22.77 31.55 33.55
N GLU A 589 -22.57 32.77 33.07
CA GLU A 589 -21.65 33.69 33.74
C GLU A 589 -22.24 34.33 34.99
N THR A 590 -23.56 34.45 35.08
CA THR A 590 -24.22 35.14 36.18
C THR A 590 -24.84 34.22 37.21
N PHE A 591 -25.55 33.16 36.79
CA PHE A 591 -26.26 32.27 37.71
C PHE A 591 -25.47 30.96 37.86
N VAL A 592 -24.64 30.90 38.90
CA VAL A 592 -23.66 29.82 39.04
C VAL A 592 -24.36 28.48 39.08
N GLY A 593 -23.86 27.54 38.28
CA GLY A 593 -24.40 26.20 38.18
C GLY A 593 -25.40 26.01 37.07
N ASP A 594 -25.93 27.10 36.53
CA ASP A 594 -26.89 27.09 35.44
C ASP A 594 -26.18 27.24 34.11
N TYR A 595 -26.96 27.22 33.03
CA TYR A 595 -26.44 27.31 31.68
C TYR A 595 -27.18 28.41 30.94
N THR A 596 -26.56 28.93 29.89
CA THR A 596 -27.25 29.87 29.01
C THR A 596 -27.35 29.26 27.62
N LEU A 597 -28.52 29.41 27.00
CA LEU A 597 -28.78 28.95 25.65
C LEU A 597 -28.81 30.14 24.72
N SER A 598 -28.09 30.04 23.59
CA SER A 598 -28.06 31.07 22.55
C SER A 598 -28.54 30.47 21.24
N PHE A 599 -29.52 31.12 20.59
CA PHE A 599 -29.94 30.69 19.26
C PHE A 599 -30.19 31.90 18.38
N TRP A 600 -30.09 31.67 17.07
CA TRP A 600 -30.19 32.70 16.02
C TRP A 600 -31.64 32.90 15.63
N ARG A 601 -32.09 34.15 15.66
CA ARG A 601 -33.45 34.45 15.19
C ARG A 601 -33.44 35.84 14.58
N ASN A 602 -33.65 35.91 13.26
CA ASN A 602 -33.72 37.17 12.53
C ASN A 602 -32.41 37.96 12.65
N GLY A 603 -31.30 37.30 12.38
CA GLY A 603 -30.02 37.96 12.42
C GLY A 603 -29.56 38.44 13.78
N LYS A 604 -30.30 38.11 14.85
CA LYS A 604 -29.96 38.48 16.23
C LYS A 604 -29.79 37.22 17.08
N VAL A 605 -28.93 37.32 18.08
CA VAL A 605 -28.74 36.26 19.07
C VAL A 605 -29.76 36.43 20.21
N GLN A 606 -30.37 35.33 20.63
CA GLN A 606 -31.25 35.30 21.80
C GLN A 606 -30.63 34.41 22.87
N HIS A 607 -30.70 34.86 24.12
CA HIS A 607 -30.12 34.17 25.26
C HIS A 607 -31.23 33.74 26.20
N CYS A 608 -31.11 32.53 26.75
CA CYS A 608 -32.12 32.03 27.67
C CYS A 608 -31.41 31.28 28.79
N ARG A 609 -31.82 31.51 30.01
CA ARG A 609 -31.29 30.75 31.12
C ARG A 609 -31.86 29.33 31.12
N ILE A 610 -30.99 28.33 31.25
CA ILE A 610 -31.40 26.96 31.57
C ILE A 610 -31.11 26.75 33.05
N HIS A 611 -32.16 26.79 33.86
CA HIS A 611 -32.03 26.59 35.29
C HIS A 611 -31.65 25.14 35.61
N SER A 612 -30.96 24.96 36.73
CA SER A 612 -30.48 23.66 37.19
C SER A 612 -30.74 23.59 38.68
N ARG A 613 -31.40 22.54 39.13
CA ARG A 613 -31.74 22.38 40.56
C ARG A 613 -31.45 20.96 41.01
N GLN A 614 -30.75 20.82 42.13
CA GLN A 614 -30.50 19.51 42.75
C GLN A 614 -31.34 19.36 44.02
N ASP A 615 -32.58 19.86 43.97
CA ASP A 615 -33.54 19.48 44.98
C ASP A 615 -33.95 18.03 44.77
N ALA A 616 -34.31 17.36 45.87
CA ALA A 616 -34.69 15.95 45.87
C ALA A 616 -33.62 15.04 45.28
N GLY A 617 -32.36 15.49 45.27
CA GLY A 617 -31.24 14.65 44.85
C GLY A 617 -31.33 14.12 43.44
N THR A 618 -32.10 14.76 42.56
CA THR A 618 -32.24 14.35 41.17
C THR A 618 -32.18 15.57 40.26
N PRO A 619 -31.47 15.47 39.13
CA PRO A 619 -31.25 16.64 38.27
C PRO A 619 -32.54 17.10 37.56
N LYS A 620 -32.84 18.40 37.69
CA LYS A 620 -33.99 19.05 37.06
C LYS A 620 -33.50 20.26 36.27
N PHE A 621 -33.74 20.26 34.95
CA PHE A 621 -33.34 21.36 34.10
C PHE A 621 -34.54 21.98 33.42
N PHE A 622 -34.55 23.30 33.30
CA PHE A 622 -35.68 23.94 32.63
C PHE A 622 -35.30 25.33 32.15
N LEU A 623 -35.81 25.67 30.97
CA LEU A 623 -35.88 27.07 30.58
C LEU A 623 -36.91 27.75 31.47
N THR A 624 -36.76 29.07 31.61
CA THR A 624 -37.68 29.85 32.43
C THR A 624 -39.13 29.65 31.99
N ASP A 625 -40.00 29.38 32.97
CA ASP A 625 -41.45 29.18 32.76
C ASP A 625 -41.77 28.08 31.76
N ASN A 626 -41.07 26.96 31.88
CA ASN A 626 -41.16 25.94 30.85
C ASN A 626 -41.01 24.56 31.49
N LEU A 627 -40.99 23.53 30.64
CA LEU A 627 -41.07 22.15 31.13
C LEU A 627 -39.78 21.74 31.82
N VAL A 628 -39.86 20.66 32.61
CA VAL A 628 -38.73 20.20 33.41
C VAL A 628 -38.19 18.91 32.81
N PHE A 629 -36.86 18.81 32.73
CA PHE A 629 -36.19 17.68 32.10
C PHE A 629 -35.13 17.14 33.06
N ASP A 630 -34.76 15.89 32.84
CA ASP A 630 -33.80 15.23 33.72
C ASP A 630 -32.35 15.46 33.35
N SER A 631 -32.08 16.04 32.19
CA SER A 631 -30.70 16.29 31.80
C SER A 631 -30.67 17.46 30.82
N LEU A 632 -29.52 18.10 30.73
CA LEU A 632 -29.32 19.05 29.64
C LEU A 632 -29.64 18.40 28.31
N TYR A 633 -29.23 17.14 28.12
CA TYR A 633 -29.37 16.54 26.81
C TYR A 633 -30.83 16.32 26.45
N ASP A 634 -31.67 15.92 27.42
CA ASP A 634 -33.09 15.73 27.12
C ASP A 634 -33.76 17.06 26.77
N LEU A 635 -33.36 18.14 27.45
CA LEU A 635 -33.92 19.44 27.17
C LEU A 635 -33.63 19.85 25.73
N ILE A 636 -32.37 19.74 25.31
CA ILE A 636 -31.99 20.17 23.97
C ILE A 636 -32.65 19.28 22.93
N THR A 637 -32.73 17.98 23.20
CA THR A 637 -33.29 17.03 22.25
C THR A 637 -34.80 17.24 22.08
N HIS A 638 -35.48 17.57 23.18
CA HIS A 638 -36.90 17.93 23.11
C HIS A 638 -37.10 19.19 22.26
N TYR A 639 -36.36 20.25 22.56
CA TYR A 639 -36.62 21.51 21.85
C TYR A 639 -36.12 21.51 20.42
N GLN A 640 -35.32 20.52 20.02
CA GLN A 640 -35.05 20.32 18.60
C GLN A 640 -36.22 19.69 17.84
N GLN A 641 -37.23 19.17 18.54
CA GLN A 641 -38.42 18.64 17.88
C GLN A 641 -39.64 19.54 18.00
N VAL A 642 -39.89 20.15 19.15
CA VAL A 642 -41.04 21.06 19.29
C VAL A 642 -40.53 22.38 19.84
N PRO A 643 -41.20 23.50 19.55
CA PRO A 643 -40.61 24.81 19.86
C PRO A 643 -40.62 25.16 21.34
N LEU A 644 -39.59 25.89 21.75
CA LEU A 644 -39.58 26.58 23.03
C LEU A 644 -40.13 27.98 22.84
N ARG A 645 -40.55 28.59 23.95
CA ARG A 645 -41.08 29.96 24.01
C ARG A 645 -40.15 30.81 24.88
N CYS A 646 -39.21 31.56 24.26
CA CYS A 646 -38.22 32.34 25.02
C CYS A 646 -38.04 33.75 24.47
N ASN A 647 -37.88 34.72 25.39
CA ASN A 647 -38.00 36.16 25.10
C ASN A 647 -39.35 36.49 24.45
N GLU A 648 -40.36 35.66 24.74
CA GLU A 648 -41.68 35.65 24.17
C GLU A 648 -41.70 35.21 22.73
N PHE A 649 -40.63 34.61 22.18
CA PHE A 649 -40.71 34.07 20.82
C PHE A 649 -41.14 32.60 20.90
N GLU A 650 -41.38 32.02 19.74
CA GLU A 650 -41.56 30.59 19.60
C GLU A 650 -40.54 30.15 18.58
N MET A 651 -39.60 29.32 19.01
CA MET A 651 -38.55 28.87 18.13
C MET A 651 -38.21 27.41 18.41
N ARG A 652 -37.93 26.68 17.34
CA ARG A 652 -37.47 25.30 17.38
C ARG A 652 -35.98 25.26 17.05
N LEU A 653 -35.27 24.28 17.60
CA LEU A 653 -33.87 24.51 17.92
C LEU A 653 -32.85 24.08 16.87
N SER A 654 -33.19 23.40 15.78
CA SER A 654 -32.31 23.49 14.56
C SER A 654 -30.87 22.98 14.80
N GLU A 655 -29.77 23.67 14.27
CA GLU A 655 -28.39 23.18 14.07
C GLU A 655 -27.49 23.52 15.26
N PRO A 656 -26.78 22.55 15.82
CA PRO A 656 -25.78 22.88 16.85
C PRO A 656 -24.58 23.58 16.23
N VAL A 657 -24.12 24.65 16.86
CA VAL A 657 -22.92 25.32 16.38
C VAL A 657 -21.70 24.55 16.87
N PRO A 658 -20.77 24.17 15.98
CA PRO A 658 -19.63 23.35 16.42
C PRO A 658 -18.52 24.21 17.02
N GLN A 659 -17.85 23.63 18.01
CA GLN A 659 -16.71 24.29 18.62
C GLN A 659 -15.54 24.32 17.65
N THR A 660 -14.89 25.48 17.54
CA THR A 660 -13.77 25.62 16.64
C THR A 660 -12.42 25.68 17.35
N ASN A 661 -12.39 25.49 18.67
CA ASN A 661 -11.20 25.81 19.44
C ASN A 661 -10.78 24.69 20.37
N ALA A 662 -11.09 23.44 20.01
CA ALA A 662 -10.73 22.30 20.85
C ALA A 662 -9.23 22.01 20.87
N HIS A 663 -8.47 22.56 19.92
CA HIS A 663 -7.02 22.42 19.95
C HIS A 663 -6.42 23.12 21.16
N GLU A 664 -7.12 24.09 21.74
CA GLU A 664 -6.53 24.90 22.79
C GLU A 664 -6.15 24.09 24.01
N SER A 665 -6.83 22.98 24.27
CA SER A 665 -6.50 22.20 25.44
C SER A 665 -5.63 20.98 25.14
N LYS A 666 -5.11 20.86 23.92
CA LYS A 666 -4.33 19.68 23.56
C LYS A 666 -2.85 19.86 23.85
N GLU A 667 -2.21 18.72 24.17
CA GLU A 667 -0.81 18.71 24.53
C GLU A 667 0.04 19.42 23.50
N TRP A 668 -0.26 19.21 22.23
CA TRP A 668 0.61 19.68 21.18
C TRP A 668 0.43 21.16 20.89
N TYR A 669 -0.49 21.85 21.55
CA TYR A 669 -0.84 23.20 21.17
C TYR A 669 -0.27 24.24 22.13
N HIS A 670 0.42 25.22 21.58
CA HIS A 670 1.00 26.33 22.32
C HIS A 670 0.47 27.62 21.72
N ALA A 671 -0.23 28.41 22.54
CA ALA A 671 -0.81 29.67 22.04
C ALA A 671 0.26 30.70 21.74
N SER A 672 1.45 30.56 22.30
CA SER A 672 2.49 31.59 22.26
C SER A 672 3.85 30.90 22.16
N LEU A 673 4.39 30.80 20.94
CA LEU A 673 5.63 30.09 20.72
C LEU A 673 6.24 30.62 19.44
N THR A 674 7.48 31.13 19.51
CA THR A 674 8.15 31.49 18.28
C THR A 674 8.69 30.27 17.57
N ARG A 675 9.10 30.48 16.32
CA ARG A 675 9.73 29.42 15.54
C ARG A 675 11.01 28.92 16.21
N ALA A 676 11.84 29.82 16.73
CA ALA A 676 13.07 29.40 17.39
C ALA A 676 12.77 28.60 18.64
N GLN A 677 11.76 29.00 19.41
CA GLN A 677 11.38 28.21 20.59
C GLN A 677 10.92 26.81 20.18
N ALA A 678 10.14 26.70 19.12
CA ALA A 678 9.67 25.39 18.69
C ALA A 678 10.86 24.52 18.26
N GLU A 679 11.81 25.10 17.52
CA GLU A 679 12.97 24.32 17.12
C GLU A 679 13.76 23.85 18.34
N HIS A 680 13.90 24.71 19.33
CA HIS A 680 14.66 24.35 20.52
C HIS A 680 13.99 23.21 21.27
N MET A 681 12.66 23.24 21.38
CA MET A 681 11.97 22.16 22.10
C MET A 681 12.12 20.85 21.35
N LEU A 682 11.88 20.86 20.04
CA LEU A 682 11.81 19.63 19.29
C LEU A 682 13.18 19.00 19.08
N MET A 683 14.25 19.81 19.06
CA MET A 683 15.59 19.25 18.98
C MET A 683 15.99 18.47 20.22
N ARG A 684 15.19 18.51 21.29
CA ARG A 684 15.46 17.70 22.46
C ARG A 684 14.81 16.31 22.39
N VAL A 685 14.06 16.02 21.34
CA VAL A 685 13.32 14.76 21.23
C VAL A 685 14.11 13.86 20.29
N PRO A 686 14.68 12.75 20.76
CA PRO A 686 15.53 11.96 19.89
C PRO A 686 14.76 10.94 19.06
N ARG A 687 13.58 11.30 18.55
CA ARG A 687 12.83 10.44 17.64
C ARG A 687 12.15 11.32 16.62
N ASP A 688 11.96 10.79 15.41
CA ASP A 688 11.24 11.52 14.39
C ASP A 688 9.75 11.50 14.70
N GLY A 689 9.04 12.52 14.22
CA GLY A 689 7.61 12.59 14.46
C GLY A 689 7.21 13.29 15.74
N ALA A 690 8.14 13.94 16.45
CA ALA A 690 7.76 14.86 17.51
C ALA A 690 7.15 16.11 16.89
N PHE A 691 6.12 16.65 17.52
CA PHE A 691 5.46 17.79 16.89
C PHE A 691 4.73 18.68 17.89
N LEU A 692 4.47 19.92 17.45
CA LEU A 692 3.55 20.81 18.12
C LEU A 692 2.86 21.68 17.07
N VAL A 693 1.80 22.35 17.49
CA VAL A 693 1.17 23.43 16.72
C VAL A 693 1.32 24.70 17.55
N ARG A 694 1.80 25.76 16.90
CA ARG A 694 1.91 27.07 17.52
C ARG A 694 1.00 28.05 16.80
N LYS A 695 0.30 28.87 17.58
CA LYS A 695 -0.31 30.05 17.00
C LYS A 695 0.76 31.03 16.51
N ARG A 696 0.46 31.74 15.43
CA ARG A 696 1.38 32.72 14.87
C ARG A 696 0.92 34.13 15.23
N ASN A 697 1.72 35.12 14.86
CA ASN A 697 1.45 36.50 15.22
C ASN A 697 0.31 37.11 14.41
N GLU A 698 0.13 36.72 13.15
CA GLU A 698 -1.01 37.17 12.36
C GLU A 698 -2.27 36.45 12.79
N PRO A 699 -3.45 37.03 12.57
CA PRO A 699 -4.70 36.31 12.86
C PRO A 699 -4.97 35.15 11.91
N ASN A 700 -5.65 34.13 12.45
CA ASN A 700 -6.11 32.97 11.66
C ASN A 700 -4.94 32.23 11.04
N SER A 701 -3.82 32.16 11.77
CA SER A 701 -2.62 31.58 11.21
C SER A 701 -1.89 30.80 12.30
N TYR A 702 -1.47 29.59 11.93
CA TYR A 702 -0.82 28.63 12.82
C TYR A 702 0.35 28.02 12.09
N ALA A 703 1.12 27.22 12.80
CA ALA A 703 2.13 26.41 12.14
C ALA A 703 2.22 25.07 12.85
N ILE A 704 2.49 24.02 12.07
CA ILE A 704 2.92 22.72 12.58
C ILE A 704 4.43 22.72 12.56
N SER A 705 5.06 22.33 13.67
CA SER A 705 6.50 22.13 13.74
C SER A 705 6.77 20.68 14.08
N PHE A 706 7.66 20.02 13.33
CA PHE A 706 7.92 18.61 13.58
C PHE A 706 9.36 18.25 13.24
N ARG A 707 9.82 17.15 13.83
CA ARG A 707 11.15 16.61 13.61
C ARG A 707 11.10 15.50 12.56
N ALA A 708 11.94 15.62 11.54
CA ALA A 708 12.09 14.59 10.54
C ALA A 708 13.55 14.57 10.12
N GLU A 709 14.19 13.40 10.26
CA GLU A 709 15.60 13.21 9.93
C GLU A 709 16.48 14.14 10.76
N GLY A 710 16.18 14.24 12.05
CA GLY A 710 16.99 15.07 12.91
C GLY A 710 16.96 16.56 12.62
N LYS A 711 16.09 17.02 11.73
CA LYS A 711 15.90 18.43 11.44
C LYS A 711 14.50 18.85 11.88
N ILE A 712 14.24 20.15 11.87
CA ILE A 712 12.93 20.67 12.26
C ILE A 712 12.30 21.30 11.03
N LYS A 713 11.01 21.05 10.84
CA LYS A 713 10.29 21.58 9.69
C LYS A 713 9.06 22.31 10.18
N HIS A 714 8.58 23.24 9.37
CA HIS A 714 7.39 24.01 9.71
C HIS A 714 6.49 24.11 8.50
N CYS A 715 5.19 24.12 8.74
CA CYS A 715 4.30 24.55 7.67
C CYS A 715 3.10 25.30 8.23
N ARG A 716 2.68 26.30 7.46
CA ARG A 716 1.59 27.18 7.85
C ARG A 716 0.24 26.49 7.77
N VAL A 717 -0.60 26.75 8.77
CA VAL A 717 -1.98 26.30 8.77
C VAL A 717 -2.86 27.54 8.85
N GLN A 718 -3.84 27.63 7.98
CA GLN A 718 -4.68 28.83 7.89
C GLN A 718 -6.11 28.49 8.28
N GLN A 719 -6.67 29.29 9.17
CA GLN A 719 -8.08 29.23 9.49
C GLN A 719 -8.81 30.17 8.53
N GLU A 720 -9.80 29.63 7.82
CA GLU A 720 -10.76 30.42 7.03
C GLU A 720 -12.16 30.00 7.51
N GLY A 721 -12.66 30.67 8.53
CA GLY A 721 -14.00 30.41 9.00
C GLY A 721 -14.16 29.04 9.61
N GLN A 722 -15.09 28.24 9.06
CA GLN A 722 -15.44 26.93 9.58
C GLN A 722 -14.43 25.84 9.20
N THR A 723 -13.47 26.13 8.33
CA THR A 723 -12.48 25.16 7.92
C THR A 723 -11.06 25.67 8.19
N VAL A 724 -10.10 24.74 8.11
CA VAL A 724 -8.68 25.07 8.19
C VAL A 724 -8.00 24.45 6.98
N MET A 725 -6.90 25.07 6.57
CA MET A 725 -6.26 24.73 5.31
C MET A 725 -4.77 24.52 5.60
N LEU A 726 -4.21 23.44 5.05
CA LEU A 726 -2.78 23.16 5.08
C LEU A 726 -2.37 22.77 3.67
N GLY A 727 -1.53 23.57 3.04
CA GLY A 727 -1.35 23.39 1.61
C GLY A 727 -2.69 23.61 0.94
N ASN A 728 -3.18 22.60 0.20
CA ASN A 728 -4.55 22.61 -0.31
C ASN A 728 -5.45 21.59 0.39
N SER A 729 -4.97 20.95 1.45
CA SER A 729 -5.79 19.99 2.19
C SER A 729 -6.66 20.74 3.20
N GLU A 730 -7.97 20.56 3.08
CA GLU A 730 -8.94 21.26 3.90
C GLU A 730 -9.45 20.36 5.02
N PHE A 731 -9.61 20.92 6.22
CA PHE A 731 -10.12 20.17 7.36
C PHE A 731 -11.17 20.98 8.10
N ASP A 732 -11.95 20.30 8.93
CA ASP A 732 -12.93 20.98 9.77
C ASP A 732 -12.27 21.89 10.80
N SER A 733 -11.14 21.45 11.37
CA SER A 733 -10.55 22.15 12.50
C SER A 733 -9.09 21.74 12.65
N LEU A 734 -8.38 22.44 13.53
CA LEU A 734 -7.01 22.03 13.86
C LEU A 734 -6.99 20.64 14.47
N VAL A 735 -7.95 20.35 15.36
CA VAL A 735 -8.04 19.03 15.98
C VAL A 735 -8.24 17.94 14.92
N ASP A 736 -9.13 18.17 13.95
CA ASP A 736 -9.31 17.14 12.92
C ASP A 736 -8.09 17.04 12.02
N LEU A 737 -7.40 18.16 11.77
CA LEU A 737 -6.15 18.11 11.02
C LEU A 737 -5.13 17.24 11.74
N ILE A 738 -4.81 17.59 12.99
CA ILE A 738 -3.78 16.84 13.68
C ILE A 738 -4.21 15.39 13.86
N SER A 739 -5.50 15.15 14.10
CA SER A 739 -5.98 13.78 14.21
C SER A 739 -5.75 12.99 12.93
N TYR A 740 -5.89 13.63 11.77
CA TYR A 740 -5.67 12.98 10.48
C TYR A 740 -4.20 12.56 10.30
N TYR A 741 -3.25 13.42 10.70
CA TYR A 741 -1.85 13.12 10.46
C TYR A 741 -1.21 12.32 11.60
N GLU A 742 -1.99 11.90 12.60
CA GLU A 742 -1.59 10.79 13.44
C GLU A 742 -1.89 9.44 12.77
N LYS A 743 -2.82 9.42 11.82
CA LYS A 743 -3.23 8.19 11.15
C LYS A 743 -2.66 8.05 9.74
N HIS A 744 -2.32 9.15 9.06
CA HIS A 744 -1.78 9.20 7.71
C HIS A 744 -0.50 10.03 7.70
N PRO A 745 0.49 9.66 6.88
CA PRO A 745 1.76 10.42 6.89
C PRO A 745 1.57 11.83 6.38
N LEU A 746 2.27 12.77 7.02
CA LEU A 746 2.31 14.17 6.65
C LEU A 746 3.56 14.55 5.91
N TYR A 747 4.70 13.95 6.26
CA TYR A 747 5.96 14.17 5.57
C TYR A 747 6.56 12.81 5.31
N ARG A 748 6.82 12.50 4.03
CA ARG A 748 7.33 11.18 3.62
C ARG A 748 6.50 10.09 4.27
N LYS A 749 7.11 9.19 5.02
CA LYS A 749 6.33 8.14 5.68
C LYS A 749 6.07 8.47 7.15
N MET A 750 6.45 9.67 7.58
CA MET A 750 6.34 10.04 8.99
C MET A 750 4.92 10.49 9.34
N LYS A 751 4.34 9.88 10.35
CA LYS A 751 3.15 10.44 10.98
C LYS A 751 3.56 11.33 12.15
N LEU A 752 2.61 12.13 12.62
CA LEU A 752 2.77 12.89 13.85
C LEU A 752 2.54 11.95 15.03
N ARG A 753 3.57 11.74 15.85
CA ARG A 753 3.47 10.75 16.92
C ARG A 753 3.61 11.34 18.33
N TYR A 754 4.58 12.23 18.59
CA TYR A 754 4.75 12.70 19.96
C TYR A 754 4.39 14.16 20.11
N PRO A 755 3.26 14.49 20.76
CA PRO A 755 2.94 15.91 21.03
C PRO A 755 3.88 16.45 22.11
N ILE A 756 4.58 17.55 21.82
CA ILE A 756 5.57 18.08 22.73
C ILE A 756 5.00 19.26 23.53
N ASN A 757 5.03 19.13 24.84
CA ASN A 757 4.87 20.25 25.76
C ASN A 757 5.94 20.10 26.81
N GLU A 758 5.84 20.86 27.90
CA GLU A 758 6.87 20.81 28.94
C GLU A 758 6.95 19.41 29.56
N GLU A 759 5.80 18.82 29.87
CA GLU A 759 5.80 17.52 30.54
C GLU A 759 6.45 16.45 29.67
N ALA A 760 6.17 16.45 28.36
CA ALA A 760 6.79 15.45 27.47
C ALA A 760 8.30 15.63 27.42
N LEU A 761 8.78 16.89 27.38
CA LEU A 761 10.22 17.11 27.38
C LEU A 761 10.87 16.60 28.65
N GLU A 762 10.22 16.81 29.80
CA GLU A 762 10.81 16.39 31.07
C GLU A 762 10.85 14.89 31.24
N LYS A 763 10.19 14.13 30.38
CA LYS A 763 10.09 12.69 30.58
C LYS A 763 10.90 11.88 29.58
N ILE A 764 11.80 12.51 28.84
CA ILE A 764 12.44 11.88 27.70
C ILE A 764 13.62 11.04 28.18
N GLY A 765 13.63 9.75 27.83
CA GLY A 765 14.76 8.87 27.97
C GLY A 765 14.85 8.08 29.25
N SER A 766 14.00 8.39 30.24
CA SER A 766 14.22 8.00 31.63
C SER A 766 13.91 6.55 31.92
N GLY A 767 13.80 5.71 30.89
CA GLY A 767 13.53 4.30 31.11
C GLY A 767 14.67 3.50 31.69
N SER A 768 15.80 4.14 31.99
CA SER A 768 17.00 3.43 32.39
C SER A 768 16.76 2.58 33.63
N THR A 769 17.41 1.40 33.68
CA THR A 769 17.17 0.46 34.76
C THR A 769 18.43 -0.25 35.28
N PHE A 770 19.54 -0.25 34.54
CA PHE A 770 20.68 -1.14 34.77
C PHE A 770 21.91 -0.29 35.10
N LYS A 771 22.37 -0.36 36.34
CA LYS A 771 23.52 0.41 36.83
C LYS A 771 23.39 1.92 36.53
N CYS A 772 22.22 2.48 36.84
CA CYS A 772 21.96 3.88 36.53
C CYS A 772 22.63 4.78 37.56
N ALA A 773 23.33 5.80 37.07
CA ALA A 773 23.86 6.85 37.90
C ALA A 773 22.88 8.03 37.89
N VAL A 774 22.87 8.76 38.99
CA VAL A 774 22.12 10.00 39.12
C VAL A 774 23.06 11.05 39.74
N LYS A 775 22.92 12.30 39.29
CA LYS A 775 23.71 13.41 39.84
C LYS A 775 22.90 14.13 40.90
N ALA A 776 23.50 14.32 42.08
CA ALA A 776 22.82 14.98 43.18
C ALA A 776 22.66 16.47 42.87
N LEU A 777 21.42 16.96 42.88
CA LEU A 777 21.20 18.40 42.75
C LEU A 777 21.53 19.18 44.03
N PHE A 778 21.34 18.58 45.22
CA PHE A 778 21.49 19.28 46.49
C PHE A 778 22.23 18.38 47.47
N ASP A 779 22.78 19.01 48.49
CA ASP A 779 23.14 18.29 49.70
C ASP A 779 21.91 17.61 50.25
N TYR A 780 22.09 16.39 50.77
CA TYR A 780 21.05 15.69 51.52
C TYR A 780 21.68 14.99 52.70
N LYS A 781 21.15 15.23 53.89
CA LYS A 781 21.60 14.56 55.09
C LYS A 781 20.57 13.51 55.48
N ALA A 782 21.02 12.28 55.66
CA ALA A 782 20.12 11.18 55.98
C ALA A 782 19.30 11.51 57.21
N GLN A 783 17.98 11.52 57.07
CA GLN A 783 17.05 11.69 58.20
C GLN A 783 16.61 10.35 58.77
N ARG A 784 17.23 9.25 58.37
CA ARG A 784 16.86 7.92 58.83
C ARG A 784 18.02 6.98 58.51
N GLU A 785 18.02 5.83 59.17
CA GLU A 785 19.17 4.94 59.03
C GLU A 785 19.22 4.22 57.67
N ASP A 786 18.07 4.03 57.01
CA ASP A 786 18.07 3.38 55.70
C ASP A 786 18.29 4.39 54.56
N GLU A 787 18.71 5.62 54.89
CA GLU A 787 18.78 6.73 53.95
C GLU A 787 20.21 7.11 53.62
N LEU A 788 20.38 7.61 52.41
CA LEU A 788 21.69 7.95 51.85
C LEU A 788 22.07 9.38 52.22
N THR A 789 23.29 9.58 52.67
CA THR A 789 23.82 10.94 52.85
C THR A 789 24.69 11.27 51.65
N PHE A 790 24.60 12.50 51.16
CA PHE A 790 25.41 12.87 50.01
C PHE A 790 25.45 14.38 49.84
N THR A 791 26.43 14.83 49.09
CA THR A 791 26.68 16.23 48.78
C THR A 791 26.22 16.55 47.37
N LYS A 792 25.90 17.83 47.18
CA LYS A 792 25.56 18.33 45.85
C LYS A 792 26.62 17.91 44.84
N SER A 793 26.15 17.42 43.69
CA SER A 793 26.94 17.01 42.51
C SER A 793 27.56 15.62 42.67
N ALA A 794 27.26 14.91 43.76
CA ALA A 794 27.69 13.53 43.88
C ALA A 794 26.99 12.66 42.84
N ILE A 795 27.68 11.62 42.40
CA ILE A 795 27.15 10.65 41.43
C ILE A 795 26.75 9.41 42.22
N ILE A 796 25.45 9.20 42.34
CA ILE A 796 24.89 8.07 43.05
C ILE A 796 24.64 6.94 42.07
N GLN A 797 25.15 5.74 42.38
CA GLN A 797 25.21 4.65 41.43
C GLN A 797 24.27 3.50 41.79
N ASN A 798 23.96 2.71 40.75
CA ASN A 798 23.14 1.49 40.88
C ASN A 798 21.74 1.82 41.37
N VAL A 799 21.15 2.90 40.84
CA VAL A 799 19.93 3.46 41.40
C VAL A 799 18.72 2.62 41.01
N GLU A 800 18.00 2.14 42.00
CA GLU A 800 16.72 1.48 41.77
C GLU A 800 15.64 2.54 41.79
N LYS A 801 14.89 2.68 40.69
CA LYS A 801 13.89 3.74 40.55
C LYS A 801 12.48 3.19 40.79
N GLN A 802 11.76 3.82 41.71
CA GLN A 802 10.36 3.55 42.00
C GLN A 802 9.64 4.89 42.08
N ASP A 803 8.34 4.86 41.87
CA ASP A 803 7.50 6.02 42.14
C ASP A 803 7.27 6.15 43.64
N GLY A 804 6.74 7.30 44.06
CA GLY A 804 6.62 7.62 45.47
C GLY A 804 7.66 8.58 45.97
N GLY A 805 8.59 9.02 45.11
CA GLY A 805 9.55 10.03 45.45
C GLY A 805 10.80 9.54 46.13
N TRP A 806 11.02 8.22 46.21
CA TRP A 806 12.16 7.65 46.91
C TRP A 806 12.87 6.62 46.02
N TRP A 807 14.18 6.76 45.90
CA TRP A 807 15.00 5.86 45.12
C TRP A 807 16.07 5.24 45.99
N ARG A 808 16.62 4.11 45.55
CA ARG A 808 17.69 3.41 46.25
C ARG A 808 18.99 3.54 45.46
N GLY A 809 20.12 3.70 46.16
CA GLY A 809 21.39 3.85 45.47
C GLY A 809 22.58 3.77 46.41
N ASP A 810 23.77 3.72 45.78
CA ASP A 810 25.05 3.50 46.45
C ASP A 810 25.87 4.78 46.42
N TYR A 811 26.30 5.26 47.58
CA TYR A 811 27.17 6.43 47.61
C TYR A 811 28.05 6.45 48.83
N GLY A 812 29.34 6.68 48.62
CA GLY A 812 30.24 6.90 49.73
C GLY A 812 30.40 5.70 50.65
N GLY A 813 30.32 4.49 50.09
CA GLY A 813 30.56 3.26 50.82
C GLY A 813 29.29 2.53 51.16
N LYS A 814 28.19 3.26 51.36
CA LYS A 814 26.90 2.66 51.71
C LYS A 814 26.18 2.18 50.46
N LYS A 815 25.47 1.06 50.61
CA LYS A 815 24.87 0.32 49.49
C LYS A 815 23.36 0.35 49.59
N GLN A 816 22.71 0.65 48.46
CA GLN A 816 21.26 0.51 48.29
C GLN A 816 20.47 1.14 49.44
N LEU A 817 20.77 2.42 49.67
CA LEU A 817 20.07 3.21 50.67
C LEU A 817 19.19 4.24 49.98
N TRP A 818 18.12 4.63 50.65
CA TRP A 818 17.05 5.42 50.06
C TRP A 818 17.34 6.92 50.11
N PHE A 819 16.84 7.67 49.12
CA PHE A 819 17.01 9.12 49.07
C PHE A 819 15.87 9.72 48.26
N PRO A 820 15.61 11.03 48.44
CA PRO A 820 14.48 11.65 47.71
C PRO A 820 14.78 11.78 46.23
N SER A 821 13.86 11.32 45.40
CA SER A 821 14.14 11.28 43.97
C SER A 821 14.13 12.66 43.32
N ASN A 822 13.46 13.65 43.89
CA ASN A 822 13.54 15.02 43.39
C ASN A 822 14.79 15.75 43.85
N TYR A 823 15.70 15.06 44.54
CA TYR A 823 16.98 15.65 44.90
C TYR A 823 18.07 15.36 43.89
N VAL A 824 17.76 14.65 42.79
CA VAL A 824 18.75 14.23 41.78
C VAL A 824 18.19 14.36 40.37
N GLU A 825 19.09 14.44 39.41
CA GLU A 825 18.76 14.28 38.00
C GLU A 825 19.42 13.02 37.44
N GLU A 826 18.72 12.34 36.53
CA GLU A 826 19.23 11.11 35.94
C GLU A 826 20.24 11.43 34.84
N MET A 827 21.38 10.75 34.89
CA MET A 827 22.37 10.80 33.82
C MET A 827 21.77 10.32 32.50
N ILE A 828 22.16 10.99 31.41
CA ILE A 828 21.70 10.63 30.08
C ILE A 828 22.16 9.21 29.75
N ASN A 829 21.22 8.39 29.27
CA ASN A 829 21.56 7.09 28.68
C ASN A 829 21.82 7.29 27.20
N PRO A 830 23.07 7.18 26.73
CA PRO A 830 23.33 7.41 25.29
C PRO A 830 22.56 6.48 24.37
N ALA A 831 22.18 5.29 24.84
CA ALA A 831 21.46 4.37 23.97
C ALA A 831 20.13 4.95 23.47
N ILE A 832 19.57 5.93 24.17
CA ILE A 832 18.32 6.54 23.73
C ILE A 832 18.49 7.44 22.52
N LEU A 833 19.71 7.82 22.16
CA LEU A 833 19.89 8.70 21.01
C LEU A 833 19.87 7.90 19.71
N GLU A 834 19.61 8.59 18.61
CA GLU A 834 19.61 7.93 17.32
C GLU A 834 21.01 7.48 16.95
N PRO A 835 21.17 6.24 16.48
CA PRO A 835 22.49 5.78 16.02
C PRO A 835 22.88 6.47 14.72
N GLU A 836 24.17 6.81 14.59
CA GLU A 836 24.65 7.44 13.38
C GLU A 836 24.52 6.46 12.22
N ARG A 837 23.67 6.80 11.26
CA ARG A 837 23.32 5.89 10.19
C ARG A 837 24.00 6.23 8.87
N GLU A 838 24.97 7.15 8.89
CA GLU A 838 25.69 7.53 7.68
C GLU A 838 26.76 6.50 7.31
N HIS A 839 27.18 5.66 8.26
CA HIS A 839 28.17 4.62 7.97
C HIS A 839 27.66 3.25 8.39
N LEU A 840 26.35 3.04 8.33
CA LEU A 840 25.78 1.72 8.54
C LEU A 840 26.12 0.79 7.38
N ASP A 841 26.37 -0.47 7.70
CA ASP A 841 26.47 -1.48 6.65
C ASP A 841 25.18 -1.51 5.84
N GLU A 842 25.30 -1.26 4.54
CA GLU A 842 24.15 -1.25 3.65
C GLU A 842 23.68 -2.65 3.28
N ASN A 843 24.53 -3.67 3.49
CA ASN A 843 24.26 -5.07 3.15
C ASN A 843 24.34 -6.01 4.36
N SER A 844 23.84 -5.55 5.52
CA SER A 844 23.63 -6.40 6.68
C SER A 844 22.42 -7.30 6.42
N PRO A 845 22.17 -8.30 7.26
CA PRO A 845 21.03 -9.20 7.01
C PRO A 845 19.68 -8.47 7.01
N LEU A 846 19.59 -7.24 7.51
CA LEU A 846 18.35 -6.49 7.49
C LEU A 846 18.20 -5.58 6.28
N GLY A 847 19.22 -5.45 5.44
CA GLY A 847 19.09 -4.59 4.27
C GLY A 847 18.75 -3.15 4.64
N ASP A 848 17.80 -2.58 3.92
CA ASP A 848 17.45 -1.19 4.17
C ASP A 848 16.61 -1.01 5.42
N LEU A 849 16.28 -2.10 6.12
CA LEU A 849 15.56 -2.02 7.39
C LEU A 849 16.50 -1.83 8.58
N LEU A 850 17.81 -1.82 8.36
CA LEU A 850 18.77 -1.71 9.45
C LEU A 850 18.66 -0.36 10.16
N ARG A 851 18.57 -0.38 11.48
CA ARG A 851 18.70 0.82 12.31
C ARG A 851 20.01 0.89 13.09
N GLY A 852 20.46 -0.20 13.68
CA GLY A 852 21.60 -0.16 14.58
C GLY A 852 22.32 -1.49 14.65
N VAL A 853 23.64 -1.41 14.83
CA VAL A 853 24.55 -2.54 14.91
C VAL A 853 25.19 -2.52 16.28
N LEU A 854 25.21 -3.67 16.95
CA LEU A 854 25.93 -3.84 18.19
C LEU A 854 27.07 -4.83 17.98
N ASP A 855 28.25 -4.46 18.45
CA ASP A 855 29.41 -5.33 18.36
C ASP A 855 29.38 -6.23 19.58
N VAL A 856 29.09 -7.52 19.37
CA VAL A 856 28.69 -8.39 20.49
C VAL A 856 29.79 -8.54 21.56
N PRO A 857 31.06 -8.78 21.20
CA PRO A 857 32.07 -8.98 22.27
C PRO A 857 32.27 -7.76 23.17
N ALA A 858 31.88 -6.56 22.73
CA ALA A 858 31.91 -5.35 23.55
C ALA A 858 30.64 -5.15 24.40
N CYS A 859 29.71 -6.10 24.36
CA CYS A 859 28.50 -6.01 25.16
C CYS A 859 28.48 -7.08 26.22
N GLN A 860 27.67 -6.83 27.24
CA GLN A 860 27.30 -7.89 28.15
C GLN A 860 25.80 -7.79 28.43
N ILE A 861 25.24 -8.90 28.86
CA ILE A 861 23.81 -9.09 28.91
C ILE A 861 23.45 -9.65 30.28
N ALA A 862 22.34 -9.16 30.84
CA ALA A 862 21.83 -9.61 32.12
C ALA A 862 20.32 -9.66 32.04
N ILE A 863 19.73 -10.73 32.55
CA ILE A 863 18.29 -10.82 32.70
C ILE A 863 17.85 -9.99 33.89
N ARG A 864 16.78 -9.23 33.72
CA ARG A 864 16.13 -8.65 34.88
C ARG A 864 14.95 -9.52 35.28
N PRO A 865 15.00 -10.20 36.44
CA PRO A 865 13.99 -11.24 36.71
C PRO A 865 12.60 -10.67 36.92
N GLU A 866 12.50 -9.60 37.66
CA GLU A 866 11.23 -8.94 37.87
C GLU A 866 10.69 -8.20 36.60
N GLY A 867 11.33 -8.33 35.44
CA GLY A 867 10.77 -7.72 34.25
C GLY A 867 10.92 -6.20 34.26
N LYS A 868 10.10 -5.56 33.44
CA LYS A 868 10.10 -4.10 33.38
C LYS A 868 8.88 -3.55 32.67
N ASN A 869 8.19 -2.57 33.27
CA ASN A 869 7.24 -1.72 32.54
C ASN A 869 6.13 -2.54 31.85
N ASN A 870 5.64 -3.59 32.53
CA ASN A 870 4.58 -4.49 32.05
C ASN A 870 5.06 -5.50 31.01
N ARG A 871 6.36 -5.54 30.75
CA ARG A 871 6.98 -6.63 30.01
C ARG A 871 7.56 -7.60 31.03
N LEU A 872 7.26 -8.89 30.89
CA LEU A 872 7.70 -9.83 31.91
C LEU A 872 9.07 -10.42 31.62
N PHE A 873 9.48 -10.43 30.35
CA PHE A 873 10.69 -11.11 29.92
C PHE A 873 11.64 -10.09 29.27
N VAL A 874 12.60 -9.60 30.06
CA VAL A 874 13.45 -8.51 29.64
C VAL A 874 14.91 -8.85 29.94
N PHE A 875 15.81 -8.58 29.00
CA PHE A 875 17.22 -8.52 29.32
C PHE A 875 17.79 -7.14 29.03
N SER A 876 19.01 -6.91 29.49
CA SER A 876 19.68 -5.62 29.41
C SER A 876 20.99 -5.79 28.68
N ILE A 877 21.14 -5.12 27.54
CA ILE A 877 22.41 -5.05 26.83
C ILE A 877 23.15 -3.80 27.30
N SER A 878 24.38 -3.98 27.77
CA SER A 878 25.21 -2.89 28.23
C SER A 878 26.57 -3.03 27.57
N MET A 879 27.36 -1.96 27.62
CA MET A 879 28.77 -2.04 27.24
C MET A 879 29.64 -1.59 28.38
N PRO A 880 30.51 -2.46 28.90
CA PRO A 880 31.37 -2.08 30.03
C PRO A 880 32.19 -0.81 29.81
N SER A 881 32.57 -0.51 28.58
CA SER A 881 33.46 0.61 28.29
C SER A 881 32.72 1.89 27.90
N VAL A 882 31.38 1.88 27.94
CA VAL A 882 30.58 3.11 27.80
C VAL A 882 29.66 3.14 29.01
N ALA A 883 30.09 3.79 30.09
CA ALA A 883 29.26 3.96 31.27
C ALA A 883 27.89 4.51 30.87
N GLN A 884 26.84 3.98 31.50
CA GLN A 884 25.45 4.42 31.44
C GLN A 884 24.75 4.02 30.16
N TRP A 885 25.44 3.43 29.18
CA TRP A 885 24.79 2.91 27.99
C TRP A 885 24.06 1.62 28.33
N SER A 886 22.78 1.54 27.97
CA SER A 886 22.11 0.23 28.07
C SER A 886 20.82 0.22 27.24
N LEU A 887 20.46 -0.96 26.78
CA LEU A 887 19.20 -1.22 26.08
C LEU A 887 18.44 -2.28 26.88
N ASP A 888 17.24 -1.96 27.30
CA ASP A 888 16.35 -2.98 27.81
C ASP A 888 15.60 -3.56 26.62
N VAL A 889 15.62 -4.88 26.51
CA VAL A 889 15.12 -5.59 25.34
C VAL A 889 14.15 -6.66 25.82
N ALA A 890 12.91 -6.60 25.33
CA ALA A 890 11.86 -7.50 25.80
C ALA A 890 11.57 -8.61 24.78
N ALA A 891 11.22 -9.79 25.29
CA ALA A 891 10.80 -10.94 24.49
C ALA A 891 9.38 -11.35 24.87
N ASP A 892 8.76 -12.17 24.00
CA ASP A 892 7.36 -12.57 24.11
C ASP A 892 7.15 -13.78 25.03
N SER A 893 8.22 -14.45 25.45
CA SER A 893 8.11 -15.65 26.26
C SER A 893 9.40 -15.85 27.04
N GLN A 894 9.28 -16.58 28.15
CA GLN A 894 10.48 -16.93 28.92
C GLN A 894 11.46 -17.74 28.08
N GLU A 895 10.96 -18.70 27.27
CA GLU A 895 11.85 -19.54 26.47
C GLU A 895 12.60 -18.70 25.46
N GLU A 896 11.88 -17.81 24.78
CA GLU A 896 12.52 -16.91 23.82
C GLU A 896 13.55 -16.01 24.50
N LEU A 897 13.32 -15.64 25.77
CA LEU A 897 14.30 -14.87 26.51
C LEU A 897 15.56 -15.69 26.82
N GLN A 898 15.40 -16.91 27.34
CA GLN A 898 16.57 -17.70 27.68
C GLN A 898 17.39 -18.01 26.43
N ASP A 899 16.74 -18.26 25.31
CA ASP A 899 17.46 -18.57 24.08
C ASP A 899 18.29 -17.37 23.59
N TRP A 900 17.75 -16.14 23.70
CA TRP A 900 18.54 -14.97 23.30
C TRP A 900 19.74 -14.75 24.23
N VAL A 901 19.52 -14.80 25.54
CA VAL A 901 20.61 -14.51 26.46
C VAL A 901 21.73 -15.53 26.29
N LYS A 902 21.35 -16.81 26.16
CA LYS A 902 22.30 -17.92 26.00
C LYS A 902 23.10 -17.78 24.70
N LYS A 903 22.41 -17.53 23.58
CA LYS A 903 23.12 -17.46 22.31
C LYS A 903 23.94 -16.18 22.18
N ILE A 904 23.46 -15.06 22.74
CA ILE A 904 24.24 -13.83 22.70
C ILE A 904 25.53 -14.00 23.51
N ARG A 905 25.42 -14.63 24.68
CA ARG A 905 26.58 -14.80 25.52
C ARG A 905 27.59 -15.73 24.88
N GLU A 906 27.09 -16.80 24.23
CA GLU A 906 27.99 -17.68 23.50
C GLU A 906 28.70 -16.92 22.39
N VAL A 907 27.99 -16.05 21.69
CA VAL A 907 28.64 -15.29 20.62
C VAL A 907 29.71 -14.37 21.20
N ALA A 908 29.44 -13.79 22.38
CA ALA A 908 30.44 -12.92 23.01
C ALA A 908 31.74 -13.67 23.29
N GLN A 909 31.66 -14.92 23.79
CA GLN A 909 32.85 -15.70 24.14
C GLN A 909 33.42 -16.50 22.95
N THR A 910 33.21 -16.06 21.69
CA THR A 910 33.93 -16.61 20.54
C THR A 910 34.76 -15.50 19.88
N ALA A 911 36.09 -15.67 19.89
CA ALA A 911 37.02 -14.83 19.12
C ALA A 911 37.80 -15.76 18.19
N ASP A 912 37.21 -16.05 17.04
CA ASP A 912 37.73 -17.06 16.13
C ASP A 912 37.51 -16.67 14.66
N LYS A 925 23.01 -34.22 2.87
CA LYS A 925 21.76 -33.82 2.23
C LYS A 925 21.19 -34.96 1.36
N LYS A 926 20.63 -35.99 1.99
CA LYS A 926 20.06 -37.11 1.25
C LYS A 926 18.73 -36.71 0.59
N ILE A 927 18.49 -37.27 -0.60
CA ILE A 927 17.32 -36.95 -1.42
C ILE A 927 16.57 -38.22 -1.75
N ALA A 928 15.26 -38.20 -1.55
CA ALA A 928 14.42 -39.36 -1.83
C ALA A 928 14.33 -39.61 -3.33
N LEU A 929 14.56 -40.86 -3.72
CA LEU A 929 14.54 -41.24 -5.15
C LEU A 929 13.18 -40.95 -5.77
N GLU A 930 12.10 -41.18 -5.01
CA GLU A 930 10.75 -41.03 -5.56
C GLU A 930 10.50 -39.60 -6.03
N LEU A 931 11.17 -38.62 -5.41
CA LEU A 931 11.10 -37.22 -5.75
C LEU A 931 12.17 -36.81 -6.76
N SER A 932 13.38 -37.33 -6.61
CA SER A 932 14.41 -37.08 -7.62
C SER A 932 13.94 -37.51 -9.01
N GLU A 933 13.18 -38.61 -9.08
CA GLU A 933 12.66 -39.14 -10.34
C GLU A 933 11.77 -38.14 -11.08
N LEU A 934 11.22 -37.14 -10.39
CA LEU A 934 10.30 -36.20 -11.03
C LEU A 934 11.01 -35.03 -11.70
N VAL A 935 12.32 -34.95 -11.57
CA VAL A 935 13.10 -33.87 -12.17
C VAL A 935 13.55 -34.33 -13.55
N VAL A 936 12.97 -33.75 -14.60
CA VAL A 936 13.26 -34.18 -15.95
C VAL A 936 14.12 -33.11 -16.59
N TYR A 937 13.61 -31.89 -16.62
CA TYR A 937 14.41 -30.72 -16.95
C TYR A 937 14.63 -29.92 -15.66
N CYS A 938 15.21 -28.72 -15.79
CA CYS A 938 15.40 -27.84 -14.63
C CYS A 938 16.20 -28.50 -13.53
N ARG A 939 17.22 -29.29 -13.89
CA ARG A 939 18.01 -30.03 -12.92
C ARG A 939 19.15 -29.14 -12.44
N PRO A 940 19.15 -28.71 -11.17
CA PRO A 940 20.20 -27.78 -10.70
C PRO A 940 21.57 -28.44 -10.64
N VAL A 941 22.54 -27.80 -11.28
CA VAL A 941 23.94 -28.18 -11.18
C VAL A 941 24.69 -26.96 -10.67
N PRO A 942 25.90 -27.13 -10.15
CA PRO A 942 26.78 -25.97 -9.96
C PRO A 942 27.15 -25.36 -11.31
N PHE A 943 27.18 -24.04 -11.35
CA PHE A 943 27.43 -23.33 -12.60
C PHE A 943 28.86 -23.57 -13.06
N ASP A 944 29.03 -24.06 -14.28
CA ASP A 944 30.36 -24.35 -14.85
C ASP A 944 30.61 -23.47 -16.07
N GLU A 945 31.20 -22.31 -15.84
CA GLU A 945 31.46 -21.37 -16.93
C GLU A 945 32.27 -22.00 -18.06
N GLU A 946 33.12 -22.99 -17.77
CA GLU A 946 33.96 -23.58 -18.81
C GLU A 946 33.20 -24.53 -19.72
N LYS A 947 32.05 -25.05 -19.28
CA LYS A 947 31.26 -25.94 -20.11
C LYS A 947 30.51 -25.22 -21.22
N ILE A 948 30.46 -23.88 -21.16
CA ILE A 948 29.65 -23.09 -22.09
C ILE A 948 30.22 -23.18 -23.51
N GLY A 949 29.34 -23.47 -24.46
CA GLY A 949 29.76 -23.56 -25.85
C GLY A 949 30.35 -24.90 -26.24
N THR A 950 30.49 -25.83 -25.31
CA THR A 950 31.12 -27.11 -25.56
C THR A 950 30.09 -28.23 -25.51
N GLU A 951 30.50 -29.41 -26.01
CA GLU A 951 29.70 -30.63 -25.95
C GLU A 951 29.41 -31.03 -24.52
N ARG A 952 30.16 -30.49 -23.55
CA ARG A 952 29.95 -30.84 -22.14
C ARG A 952 28.67 -30.24 -21.57
N ALA A 953 28.15 -29.18 -22.19
CA ALA A 953 26.96 -28.50 -21.69
C ALA A 953 25.72 -29.34 -21.96
N CYS A 954 24.94 -29.60 -20.91
CA CYS A 954 23.71 -30.37 -21.03
C CYS A 954 22.50 -29.46 -20.97
N TYR A 955 21.70 -29.47 -22.05
CA TYR A 955 20.51 -28.62 -22.13
C TYR A 955 19.52 -28.87 -21.00
N ARG A 956 19.59 -30.02 -20.32
CA ARG A 956 18.63 -30.31 -19.26
C ARG A 956 19.04 -29.74 -17.91
N ASP A 957 20.32 -29.39 -17.75
CA ASP A 957 20.84 -28.85 -16.50
C ASP A 957 20.64 -27.35 -16.45
N MET A 958 20.54 -26.83 -15.25
CA MET A 958 20.28 -25.42 -15.04
C MET A 958 21.05 -24.97 -13.81
N SER A 959 21.19 -23.66 -13.66
CA SER A 959 21.93 -23.12 -12.54
C SER A 959 21.24 -21.84 -12.10
N SER A 960 21.51 -21.47 -10.85
CA SER A 960 20.78 -20.41 -10.18
C SER A 960 21.74 -19.38 -9.63
N PHE A 961 21.32 -18.12 -9.68
CA PHE A 961 22.18 -16.99 -9.32
C PHE A 961 21.45 -16.07 -8.35
N PRO A 962 21.87 -15.99 -7.09
CA PRO A 962 21.42 -14.87 -6.27
C PRO A 962 21.89 -13.57 -6.92
N GLU A 963 21.14 -12.50 -6.70
CA GLU A 963 21.32 -11.23 -7.39
C GLU A 963 22.77 -10.76 -7.49
N THR A 964 23.52 -10.86 -6.40
CA THR A 964 24.89 -10.34 -6.41
C THR A 964 25.81 -11.22 -7.26
N LYS A 965 25.60 -12.55 -7.22
CA LYS A 965 26.36 -13.43 -8.11
C LYS A 965 25.99 -13.16 -9.57
N ALA A 966 24.71 -12.94 -9.86
CA ALA A 966 24.30 -12.67 -11.22
C ALA A 966 24.87 -11.36 -11.72
N GLU A 967 25.02 -10.38 -10.82
CA GLU A 967 25.60 -9.10 -11.25
C GLU A 967 27.01 -9.27 -11.80
N LYS A 968 27.74 -10.32 -11.38
CA LYS A 968 29.08 -10.64 -11.89
C LYS A 968 29.08 -11.31 -13.25
N TYR A 969 27.92 -11.71 -13.80
CA TYR A 969 27.85 -12.29 -15.15
C TYR A 969 27.06 -11.45 -16.15
N VAL A 970 26.46 -10.33 -15.72
CA VAL A 970 25.68 -9.51 -16.65
C VAL A 970 26.32 -8.14 -16.80
N ASN A 971 27.65 -8.10 -16.82
CA ASN A 971 28.38 -6.86 -17.05
C ASN A 971 29.04 -6.89 -18.43
N LYS A 972 29.74 -5.81 -18.78
CA LYS A 972 30.45 -5.72 -20.06
C LYS A 972 31.37 -6.91 -20.30
N ALA A 973 32.06 -7.38 -19.24
CA ALA A 973 33.10 -8.38 -19.43
C ALA A 973 32.52 -9.77 -19.69
N LYS A 974 31.48 -10.18 -18.94
CA LYS A 974 30.98 -11.55 -18.95
C LYS A 974 29.63 -11.70 -19.65
N GLY A 975 28.98 -10.59 -20.02
CA GLY A 975 27.60 -10.65 -20.47
C GLY A 975 27.38 -11.49 -21.72
N LYS A 976 28.26 -11.34 -22.71
CA LYS A 976 28.15 -12.18 -23.90
C LYS A 976 28.29 -13.65 -23.56
N LYS A 977 29.22 -13.99 -22.65
CA LYS A 977 29.35 -15.38 -22.22
C LYS A 977 28.04 -15.87 -21.63
N PHE A 978 27.41 -15.05 -20.78
CA PHE A 978 26.11 -15.39 -20.21
C PHE A 978 25.06 -15.58 -21.30
N LEU A 979 25.11 -14.75 -22.36
CA LEU A 979 24.15 -14.91 -23.45
C LEU A 979 24.34 -16.26 -24.14
N GLN A 980 25.58 -16.69 -24.30
CA GLN A 980 25.84 -17.99 -24.90
C GLN A 980 25.35 -19.11 -24.01
N TYR A 981 25.53 -18.97 -22.70
CA TYR A 981 25.01 -20.00 -21.82
C TYR A 981 23.50 -20.08 -21.94
N ASN A 982 22.82 -18.92 -21.98
CA ASN A 982 21.36 -18.93 -21.92
C ASN A 982 20.69 -19.40 -23.20
N ARG A 983 21.39 -19.41 -24.33
CA ARG A 983 20.75 -19.94 -25.51
C ARG A 983 20.48 -21.43 -25.37
N LEU A 984 21.30 -22.14 -24.59
CA LEU A 984 21.11 -23.58 -24.42
C LEU A 984 20.45 -23.96 -23.10
N GLN A 985 20.66 -23.21 -22.02
CA GLN A 985 20.29 -23.67 -20.71
C GLN A 985 19.53 -22.59 -19.98
N LEU A 986 18.76 -23.02 -18.99
CA LEU A 986 18.00 -22.08 -18.19
C LEU A 986 18.91 -21.49 -17.12
N SER A 987 18.70 -20.22 -16.81
CA SER A 987 19.29 -19.62 -15.62
C SER A 987 18.17 -18.94 -14.84
N ARG A 988 18.23 -19.03 -13.51
CA ARG A 988 17.26 -18.38 -12.63
C ARG A 988 17.95 -17.32 -11.78
N ILE A 989 17.36 -16.15 -11.68
CA ILE A 989 17.85 -15.09 -10.81
C ILE A 989 16.84 -14.84 -9.70
N TYR A 990 17.32 -14.64 -8.48
CA TYR A 990 16.42 -14.31 -7.40
C TYR A 990 17.06 -13.26 -6.52
N PRO A 991 16.28 -12.53 -5.71
CA PRO A 991 16.84 -11.41 -4.93
C PRO A 991 17.85 -11.87 -3.90
N LYS A 992 18.71 -10.93 -3.51
CA LYS A 992 19.65 -11.18 -2.44
C LYS A 992 18.93 -11.30 -1.10
N GLY A 993 19.40 -12.23 -0.26
CA GLY A 993 18.73 -12.49 1.01
C GLY A 993 18.67 -11.29 1.94
N GLN A 994 19.53 -10.28 1.71
CA GLN A 994 19.50 -9.06 2.51
C GLN A 994 18.25 -8.23 2.25
N ARG A 995 17.57 -8.46 1.12
CA ARG A 995 16.36 -7.73 0.79
C ARG A 995 15.19 -8.25 1.62
N LEU A 996 15.33 -8.12 2.93
CA LEU A 996 14.32 -8.60 3.86
C LEU A 996 13.01 -7.83 3.74
N ASP A 997 13.01 -6.70 3.04
CA ASP A 997 11.84 -5.87 2.84
C ASP A 997 11.09 -6.26 1.58
N SER A 998 11.48 -7.37 0.95
CA SER A 998 10.87 -7.88 -0.27
C SER A 998 10.98 -6.90 -1.43
N SER A 999 11.87 -5.92 -1.35
CA SER A 999 12.10 -5.08 -2.52
C SER A 999 12.68 -5.92 -3.65
N ASN A 1000 12.79 -5.32 -4.82
CA ASN A 1000 13.21 -6.03 -6.01
C ASN A 1000 14.42 -5.37 -6.66
N TYR A 1001 15.24 -6.22 -7.29
CA TYR A 1001 16.32 -5.75 -8.13
C TYR A 1001 15.80 -5.44 -9.54
N ASP A 1002 16.55 -4.63 -10.27
CA ASP A 1002 16.25 -4.33 -11.68
C ASP A 1002 16.30 -5.61 -12.51
N PRO A 1003 15.22 -6.01 -13.18
CA PRO A 1003 15.30 -7.26 -13.98
C PRO A 1003 15.92 -7.06 -15.35
N LEU A 1004 15.92 -5.85 -15.90
CA LEU A 1004 16.35 -5.67 -17.29
C LEU A 1004 17.78 -6.13 -17.55
N PRO A 1005 18.77 -5.86 -16.69
CA PRO A 1005 20.13 -6.33 -16.98
C PRO A 1005 20.22 -7.84 -17.10
N MET A 1006 19.45 -8.57 -16.30
CA MET A 1006 19.34 -10.02 -16.43
C MET A 1006 18.66 -10.44 -17.73
N TRP A 1007 17.52 -9.83 -18.05
CA TRP A 1007 16.81 -10.19 -19.28
C TRP A 1007 17.68 -9.95 -20.52
N ILE A 1008 18.40 -8.82 -20.57
CA ILE A 1008 19.09 -8.44 -21.79
C ILE A 1008 20.28 -9.35 -22.08
N CYS A 1009 20.73 -10.13 -21.09
CA CYS A 1009 21.70 -11.21 -21.32
C CYS A 1009 21.01 -12.56 -21.47
N GLY A 1010 19.70 -12.57 -21.73
CA GLY A 1010 19.00 -13.76 -22.10
C GLY A 1010 18.61 -14.68 -20.97
N SER A 1011 18.77 -14.25 -19.71
CA SER A 1011 18.30 -15.06 -18.58
C SER A 1011 16.79 -15.22 -18.63
N GLN A 1012 16.32 -16.41 -18.30
CA GLN A 1012 14.91 -16.72 -18.53
C GLN A 1012 14.06 -16.59 -17.28
N LEU A 1013 14.55 -17.04 -16.13
CA LEU A 1013 13.74 -17.13 -14.93
C LEU A 1013 14.24 -16.05 -13.96
N VAL A 1014 13.73 -14.84 -14.15
CA VAL A 1014 14.21 -13.69 -13.39
C VAL A 1014 13.17 -13.46 -12.30
N ALA A 1015 13.39 -14.07 -11.14
CA ALA A 1015 12.37 -14.14 -10.10
C ALA A 1015 12.31 -12.82 -9.33
N LEU A 1016 11.13 -12.22 -9.30
CA LEU A 1016 10.86 -11.03 -8.52
C LEU A 1016 9.84 -11.35 -7.43
N ASN A 1017 9.80 -10.50 -6.43
CA ASN A 1017 8.73 -10.60 -5.43
C ASN A 1017 7.46 -10.00 -6.04
N PHE A 1018 6.50 -10.85 -6.40
CA PHE A 1018 5.26 -10.35 -7.02
C PHE A 1018 4.42 -9.50 -6.06
N GLN A 1019 4.58 -9.63 -4.74
CA GLN A 1019 3.77 -8.85 -3.81
C GLN A 1019 4.17 -7.37 -3.72
N THR A 1020 5.35 -7.00 -4.22
CA THR A 1020 5.91 -5.68 -4.02
C THR A 1020 5.59 -4.79 -5.21
N PRO A 1021 4.92 -3.64 -5.00
CA PRO A 1021 4.51 -2.78 -6.11
C PRO A 1021 5.59 -1.78 -6.54
N ASP A 1022 6.77 -2.28 -6.88
CA ASP A 1022 7.86 -1.38 -7.24
C ASP A 1022 8.11 -1.45 -8.74
N LYS A 1023 9.04 -0.61 -9.23
CA LYS A 1023 9.31 -0.55 -10.67
C LYS A 1023 9.70 -1.89 -11.29
N PRO A 1024 10.54 -2.74 -10.69
CA PRO A 1024 10.81 -4.04 -11.33
C PRO A 1024 9.55 -4.86 -11.65
N MET A 1025 8.55 -4.89 -10.74
CA MET A 1025 7.32 -5.63 -11.07
C MET A 1025 6.48 -4.90 -12.11
N GLN A 1026 6.59 -3.58 -12.19
CA GLN A 1026 5.93 -2.86 -13.25
C GLN A 1026 6.57 -3.15 -14.61
N MET A 1027 7.90 -3.32 -14.65
CA MET A 1027 8.52 -3.74 -15.91
C MET A 1027 8.10 -5.15 -16.28
N ASN A 1028 8.08 -6.08 -15.31
CA ASN A 1028 7.69 -7.47 -15.55
C ASN A 1028 6.33 -7.57 -16.20
N GLN A 1029 5.33 -6.91 -15.62
CA GLN A 1029 3.99 -6.94 -16.20
C GLN A 1029 3.94 -6.21 -17.54
N ALA A 1030 4.77 -5.18 -17.73
CA ALA A 1030 4.86 -4.58 -19.06
C ALA A 1030 5.41 -5.56 -20.08
N LEU A 1031 6.54 -6.21 -19.74
CA LEU A 1031 7.16 -7.16 -20.66
C LEU A 1031 6.17 -8.25 -21.07
N PHE A 1032 5.53 -8.88 -20.09
CA PHE A 1032 4.64 -9.97 -20.42
C PHE A 1032 3.27 -9.51 -20.87
N MET A 1033 3.07 -8.19 -20.99
CA MET A 1033 1.86 -7.70 -21.63
C MET A 1033 1.78 -8.14 -23.10
N ALA A 1034 2.93 -8.31 -23.76
CA ALA A 1034 2.97 -8.90 -25.10
C ALA A 1034 2.66 -10.39 -24.99
N GLY A 1035 1.53 -10.81 -25.56
CA GLY A 1035 1.05 -12.15 -25.39
C GLY A 1035 -0.04 -12.28 -24.36
N GLY A 1036 -0.47 -11.18 -23.75
CA GLY A 1036 -1.62 -11.25 -22.88
C GLY A 1036 -1.32 -11.92 -21.58
N HIS A 1037 -0.07 -11.81 -21.13
CA HIS A 1037 0.37 -12.41 -19.87
C HIS A 1037 0.18 -13.92 -19.91
N CYS A 1038 0.59 -14.55 -21.04
CA CYS A 1038 0.78 -15.99 -21.03
C CYS A 1038 2.07 -16.39 -20.35
N GLY A 1039 2.99 -15.46 -20.13
CA GLY A 1039 4.17 -15.72 -19.34
C GLY A 1039 5.41 -16.16 -20.09
N TYR A 1040 5.38 -16.17 -21.42
CA TYR A 1040 6.52 -16.55 -22.23
C TYR A 1040 6.63 -15.56 -23.38
N VAL A 1041 7.75 -14.87 -23.48
CA VAL A 1041 8.00 -13.93 -24.56
C VAL A 1041 9.25 -14.39 -25.29
N LEU A 1042 9.14 -14.63 -26.60
CA LEU A 1042 10.29 -15.02 -27.42
C LEU A 1042 11.34 -13.92 -27.43
N GLN A 1043 12.56 -14.24 -27.01
CA GLN A 1043 13.62 -13.26 -27.12
C GLN A 1043 13.86 -12.97 -28.60
N PRO A 1044 14.01 -11.70 -28.99
CA PRO A 1044 14.26 -11.39 -30.40
C PRO A 1044 15.51 -12.06 -30.93
N SER A 1045 15.43 -12.55 -32.17
CA SER A 1045 16.55 -13.20 -32.82
C SER A 1045 17.81 -12.33 -32.84
N THR A 1046 17.65 -11.01 -32.97
CA THR A 1046 18.85 -10.19 -33.05
C THR A 1046 19.75 -10.38 -31.84
N MET A 1047 19.18 -10.74 -30.70
CA MET A 1047 19.98 -10.91 -29.51
C MET A 1047 20.23 -12.37 -29.14
N ARG A 1048 19.80 -13.32 -29.98
CA ARG A 1048 20.32 -14.67 -29.95
C ARG A 1048 21.28 -14.92 -31.10
N ASP A 1049 21.92 -13.84 -31.56
CA ASP A 1049 23.02 -13.86 -32.52
C ASP A 1049 24.32 -13.93 -31.73
N GLU A 1050 25.31 -14.62 -32.31
CA GLU A 1050 26.64 -14.70 -31.74
C GLU A 1050 27.21 -13.32 -31.45
N ALA A 1051 26.90 -12.33 -32.30
CA ALA A 1051 27.50 -11.01 -32.19
C ALA A 1051 26.93 -10.15 -31.07
N PHE A 1052 25.66 -10.38 -30.68
CA PHE A 1052 24.96 -9.42 -29.83
C PHE A 1052 25.69 -9.15 -28.52
N ASP A 1053 25.81 -7.88 -28.18
CA ASP A 1053 26.54 -7.45 -27.02
C ASP A 1053 25.74 -6.35 -26.35
N PRO A 1054 25.14 -6.61 -25.19
CA PRO A 1054 24.27 -5.60 -24.57
C PRO A 1054 25.00 -4.33 -24.21
N PHE A 1055 26.34 -4.36 -24.14
CA PHE A 1055 27.12 -3.17 -23.80
C PHE A 1055 27.88 -2.61 -24.99
N ASP A 1056 27.41 -2.87 -26.21
CA ASP A 1056 28.10 -2.41 -27.39
C ASP A 1056 27.10 -2.35 -28.53
N LYS A 1057 26.50 -1.16 -28.76
CA LYS A 1057 25.41 -1.09 -29.73
C LYS A 1057 25.89 -1.30 -31.16
N SER A 1058 27.21 -1.35 -31.38
CA SER A 1058 27.74 -1.57 -32.71
C SER A 1058 27.50 -3.00 -33.18
N SER A 1059 27.42 -3.95 -32.25
CA SER A 1059 27.08 -5.31 -32.62
C SER A 1059 25.64 -5.44 -33.10
N LEU A 1060 24.81 -4.42 -32.93
CA LEU A 1060 23.43 -4.54 -33.43
C LEU A 1060 23.39 -4.62 -34.94
N ARG A 1061 24.52 -4.39 -35.60
CA ARG A 1061 24.71 -4.30 -37.06
C ARG A 1061 23.69 -3.28 -37.61
N GLY A 1062 23.17 -3.48 -38.81
CA GLY A 1062 22.23 -2.54 -39.40
C GLY A 1062 20.81 -2.68 -38.91
N LEU A 1063 20.63 -3.10 -37.65
CA LEU A 1063 19.31 -3.06 -37.04
C LEU A 1063 18.85 -1.62 -37.01
N GLU A 1064 17.66 -1.39 -37.52
CA GLU A 1064 17.17 -0.03 -37.65
C GLU A 1064 16.78 0.51 -36.27
N PRO A 1065 17.20 1.72 -35.93
CA PRO A 1065 16.80 2.31 -34.66
C PRO A 1065 15.43 2.95 -34.80
N CYS A 1066 15.02 3.59 -33.73
CA CYS A 1066 13.69 4.10 -33.58
C CYS A 1066 13.79 5.45 -32.88
N VAL A 1067 13.12 6.48 -33.41
CA VAL A 1067 13.12 7.82 -32.82
C VAL A 1067 11.70 8.16 -32.42
N ILE A 1068 11.49 8.48 -31.15
CA ILE A 1068 10.15 8.76 -30.62
C ILE A 1068 10.12 10.21 -30.19
N CYS A 1069 9.08 10.94 -30.62
CA CYS A 1069 8.86 12.33 -30.21
C CYS A 1069 7.48 12.42 -29.56
N ILE A 1070 7.44 12.92 -28.33
CA ILE A 1070 6.25 12.86 -27.49
C ILE A 1070 6.01 14.23 -26.92
N GLU A 1071 4.75 14.65 -26.94
CA GLU A 1071 4.29 15.85 -26.24
C GLU A 1071 3.18 15.37 -25.33
N VAL A 1072 3.25 15.74 -24.05
CA VAL A 1072 2.27 15.30 -23.06
C VAL A 1072 1.24 16.41 -22.95
N LEU A 1073 0.03 16.17 -23.47
CA LEU A 1073 -0.92 17.27 -23.61
C LEU A 1073 -1.79 17.45 -22.37
N GLY A 1074 -2.35 16.38 -21.83
CA GLY A 1074 -3.09 16.52 -20.59
C GLY A 1074 -3.27 15.20 -19.89
N ALA A 1075 -4.08 15.21 -18.84
CA ALA A 1075 -4.45 14.00 -18.13
C ALA A 1075 -5.85 14.15 -17.54
N ARG A 1076 -6.54 13.03 -17.36
CA ARG A 1076 -7.83 13.04 -16.68
C ARG A 1076 -7.87 11.99 -15.59
N HIS A 1077 -8.49 12.36 -14.48
CA HIS A 1077 -8.85 11.43 -13.41
C HIS A 1077 -7.63 10.86 -12.68
N LEU A 1078 -6.55 11.63 -12.60
CA LEU A 1078 -5.41 11.22 -11.80
C LEU A 1078 -5.83 10.96 -10.36
N PRO A 1079 -5.34 9.89 -9.74
CA PRO A 1079 -5.72 9.57 -8.35
C PRO A 1079 -5.18 10.59 -7.35
N LYS A 1080 -5.83 10.62 -6.20
CA LYS A 1080 -5.36 11.44 -5.09
C LYS A 1080 -4.29 10.70 -4.31
N ASN A 1081 -3.41 11.47 -3.68
CA ASN A 1081 -2.44 10.96 -2.72
C ASN A 1081 -2.67 11.73 -1.42
N GLY A 1082 -3.54 11.21 -0.57
CA GLY A 1082 -3.90 11.92 0.65
C GLY A 1082 -5.03 12.91 0.44
N ARG A 1083 -5.15 13.85 1.38
CA ARG A 1083 -6.31 14.72 1.42
C ARG A 1083 -6.25 15.90 0.47
N GLY A 1084 -5.07 16.32 0.03
CA GLY A 1084 -4.93 17.51 -0.78
C GLY A 1084 -5.34 17.28 -2.22
N ILE A 1085 -4.98 18.25 -3.07
CA ILE A 1085 -5.12 18.15 -4.52
C ILE A 1085 -3.72 18.07 -5.11
N VAL A 1086 -3.47 17.01 -5.91
CA VAL A 1086 -2.14 16.80 -6.48
C VAL A 1086 -1.72 17.96 -7.39
N CYS A 1087 -0.41 18.18 -7.47
CA CYS A 1087 0.20 19.06 -8.48
C CYS A 1087 1.06 18.17 -9.37
N PRO A 1088 0.53 17.70 -10.50
CA PRO A 1088 1.17 16.57 -11.20
C PRO A 1088 2.13 16.96 -12.31
N PHE A 1089 3.22 16.19 -12.41
CA PHE A 1089 4.07 16.18 -13.59
C PHE A 1089 4.24 14.75 -14.06
N VAL A 1090 4.68 14.60 -15.31
CA VAL A 1090 4.83 13.30 -15.93
C VAL A 1090 6.30 13.09 -16.27
N GLU A 1091 6.83 11.96 -15.87
CA GLU A 1091 8.16 11.54 -16.28
C GLU A 1091 8.02 10.45 -17.33
N ILE A 1092 8.71 10.65 -18.45
CA ILE A 1092 8.71 9.74 -19.57
C ILE A 1092 10.09 9.13 -19.64
N GLU A 1093 10.15 7.80 -19.71
CA GLU A 1093 11.41 7.09 -19.59
C GLU A 1093 11.46 6.04 -20.68
N VAL A 1094 12.62 5.88 -21.32
CA VAL A 1094 12.92 4.67 -22.08
C VAL A 1094 13.88 3.85 -21.24
N ALA A 1095 13.62 2.56 -21.14
CA ALA A 1095 14.46 1.62 -20.40
C ALA A 1095 14.80 0.46 -21.32
N GLY A 1096 16.06 0.05 -21.28
CA GLY A 1096 16.51 -0.99 -22.18
C GLY A 1096 17.96 -1.33 -21.91
N ALA A 1097 18.79 -1.42 -22.95
CA ALA A 1097 20.22 -1.39 -22.69
C ALA A 1097 20.61 -0.05 -22.05
N GLU A 1098 21.76 -0.01 -21.37
CA GLU A 1098 22.18 1.28 -20.79
C GLU A 1098 22.27 2.35 -21.86
N TYR A 1099 22.74 2.00 -23.07
CA TYR A 1099 22.90 3.00 -24.11
C TYR A 1099 21.57 3.56 -24.60
N ASP A 1100 20.45 2.89 -24.29
CA ASP A 1100 19.13 3.35 -24.69
C ASP A 1100 18.36 4.00 -23.55
N SER A 1101 18.81 3.85 -22.32
CA SER A 1101 17.99 4.24 -21.18
C SER A 1101 18.22 5.73 -20.89
N THR A 1102 17.14 6.47 -20.78
CA THR A 1102 17.17 7.89 -20.45
C THR A 1102 15.79 8.29 -19.92
N LYS A 1103 15.76 9.39 -19.17
CA LYS A 1103 14.54 9.92 -18.57
C LYS A 1103 14.33 11.36 -18.97
N GLN A 1104 13.07 11.79 -18.98
CA GLN A 1104 12.70 13.17 -19.22
C GLN A 1104 11.44 13.47 -18.43
N LYS A 1105 11.17 14.75 -18.19
CA LYS A 1105 9.94 15.05 -17.46
C LYS A 1105 9.36 16.42 -17.84
N THR A 1106 8.04 16.55 -17.66
CA THR A 1106 7.35 17.82 -17.80
C THR A 1106 7.45 18.63 -16.52
N GLU A 1107 7.07 19.90 -16.63
CA GLU A 1107 6.81 20.74 -15.47
C GLU A 1107 5.59 20.19 -14.73
N PHE A 1108 5.40 20.64 -13.51
CA PHE A 1108 4.19 20.30 -12.79
C PHE A 1108 3.21 21.46 -12.88
N VAL A 1109 1.93 21.13 -12.84
CA VAL A 1109 0.89 22.15 -12.84
C VAL A 1109 0.20 22.14 -11.49
N VAL A 1110 -0.40 23.28 -11.14
CA VAL A 1110 -0.86 23.56 -9.79
C VAL A 1110 -2.30 23.09 -9.59
N ASP A 1111 -2.51 22.33 -8.51
CA ASP A 1111 -3.84 22.11 -7.91
C ASP A 1111 -4.86 21.57 -8.91
N ASN A 1112 -4.48 20.52 -9.65
CA ASN A 1112 -5.39 19.95 -10.64
C ASN A 1112 -4.97 18.53 -11.00
N GLY A 1113 -5.72 17.55 -10.55
CA GLY A 1113 -5.48 16.19 -10.97
C GLY A 1113 -6.63 15.65 -11.79
N LEU A 1114 -7.78 16.34 -11.77
CA LEU A 1114 -8.92 15.87 -12.55
C LEU A 1114 -8.75 16.16 -14.04
N ASN A 1115 -8.27 17.34 -14.39
CA ASN A 1115 -8.08 17.61 -15.81
C ASN A 1115 -6.94 18.59 -16.10
N PRO A 1116 -5.72 18.35 -15.63
CA PRO A 1116 -4.61 19.26 -15.95
C PRO A 1116 -4.22 19.19 -17.43
N VAL A 1117 -3.57 20.26 -17.89
CA VAL A 1117 -2.91 20.29 -19.19
C VAL A 1117 -1.53 20.88 -18.95
N TRP A 1118 -0.61 20.61 -19.89
CA TRP A 1118 0.79 20.94 -19.64
C TRP A 1118 1.33 21.88 -20.70
N PRO A 1119 2.33 22.69 -20.35
CA PRO A 1119 2.97 23.54 -21.35
C PRO A 1119 3.56 22.75 -22.49
N ALA A 1120 3.82 23.47 -23.58
CA ALA A 1120 4.53 22.88 -24.71
C ALA A 1120 5.95 22.54 -24.29
N LYS A 1121 6.30 21.25 -24.38
CA LYS A 1121 7.65 20.82 -24.07
C LYS A 1121 7.90 19.50 -24.81
N PRO A 1122 8.32 19.58 -26.07
CA PRO A 1122 8.48 18.37 -26.87
C PRO A 1122 9.68 17.54 -26.39
N PHE A 1123 9.50 16.21 -26.34
CA PHE A 1123 10.54 15.28 -25.92
C PHE A 1123 10.99 14.43 -27.09
N HIS A 1124 12.28 14.09 -27.09
CA HIS A 1124 12.82 13.17 -28.08
C HIS A 1124 13.56 12.05 -27.37
N PHE A 1125 13.36 10.83 -27.87
CA PHE A 1125 14.12 9.66 -27.46
C PHE A 1125 14.62 8.93 -28.69
N GLN A 1126 15.83 8.36 -28.59
CA GLN A 1126 16.39 7.60 -29.69
C GLN A 1126 16.81 6.25 -29.16
N ILE A 1127 16.34 5.20 -29.82
CA ILE A 1127 16.47 3.82 -29.36
C ILE A 1127 17.19 3.03 -30.44
N SER A 1128 18.43 2.63 -30.15
CA SER A 1128 19.20 1.83 -31.09
C SER A 1128 18.71 0.39 -31.15
N ASN A 1129 18.10 -0.10 -30.06
CA ASN A 1129 17.56 -1.46 -30.01
C ASN A 1129 16.12 -1.40 -29.56
N PRO A 1130 15.20 -1.08 -30.49
CA PRO A 1130 13.77 -1.13 -30.14
C PRO A 1130 13.27 -2.53 -29.86
N GLU A 1131 14.06 -3.60 -30.10
CA GLU A 1131 13.60 -4.93 -29.73
C GLU A 1131 13.72 -5.19 -28.24
N PHE A 1132 14.59 -4.45 -27.54
CA PHE A 1132 14.63 -4.47 -26.08
C PHE A 1132 14.53 -3.04 -25.57
N ALA A 1133 13.31 -2.51 -25.56
CA ALA A 1133 13.08 -1.15 -25.13
C ALA A 1133 11.67 -1.06 -24.58
N PHE A 1134 11.51 -0.29 -23.51
CA PHE A 1134 10.22 -0.05 -22.86
C PHE A 1134 9.94 1.43 -22.83
N LEU A 1135 8.71 1.82 -23.16
CA LEU A 1135 8.29 3.20 -22.99
C LEU A 1135 7.50 3.28 -21.69
N ARG A 1136 7.91 4.21 -20.79
CA ARG A 1136 7.38 4.29 -19.43
C ARG A 1136 6.95 5.71 -19.05
N PHE A 1137 5.71 5.84 -18.62
CA PHE A 1137 5.13 7.07 -18.09
C PHE A 1137 4.86 6.90 -16.60
N VAL A 1138 5.36 7.82 -15.78
CA VAL A 1138 5.00 7.87 -14.38
C VAL A 1138 4.44 9.25 -14.08
N VAL A 1139 3.22 9.30 -13.55
CA VAL A 1139 2.65 10.54 -13.07
C VAL A 1139 3.01 10.69 -11.60
N TYR A 1140 3.78 11.73 -11.28
CA TYR A 1140 4.13 12.11 -9.91
C TYR A 1140 3.37 13.36 -9.51
N GLU A 1141 3.20 13.54 -8.20
CA GLU A 1141 2.81 14.84 -7.65
C GLU A 1141 4.03 15.49 -7.04
N GLU A 1142 4.17 16.80 -7.26
CA GLU A 1142 5.08 17.63 -6.48
C GLU A 1142 4.32 18.04 -5.23
N ASP A 1143 4.72 17.53 -4.07
CA ASP A 1143 3.91 17.88 -2.92
C ASP A 1143 4.39 19.18 -2.28
N MET A 1144 3.74 19.53 -1.17
CA MET A 1144 3.98 20.78 -0.45
C MET A 1144 5.41 20.91 0.09
N PHE A 1145 6.17 19.83 0.21
CA PHE A 1145 7.55 19.87 0.67
C PHE A 1145 8.57 19.76 -0.47
N SER A 1146 8.13 19.85 -1.74
CA SER A 1146 9.01 19.61 -2.88
C SER A 1146 9.56 18.19 -2.86
N ASP A 1147 8.70 17.25 -2.48
CA ASP A 1147 8.96 15.84 -2.64
C ASP A 1147 8.11 15.31 -3.79
N GLN A 1148 8.60 14.27 -4.44
CA GLN A 1148 7.96 13.69 -5.61
C GLN A 1148 7.26 12.40 -5.19
N ASN A 1149 5.97 12.29 -5.44
CA ASN A 1149 5.25 11.09 -5.02
C ASN A 1149 4.53 10.44 -6.19
N PHE A 1150 4.75 9.13 -6.33
CA PHE A 1150 4.11 8.35 -7.38
C PHE A 1150 2.60 8.48 -7.28
N LEU A 1151 1.94 8.62 -8.43
CA LEU A 1151 0.48 8.62 -8.52
C LEU A 1151 -0.04 7.51 -9.42
N ALA A 1152 0.52 7.38 -10.62
CA ALA A 1152 0.06 6.40 -11.59
C ALA A 1152 1.21 6.13 -12.55
N GLN A 1153 1.10 5.05 -13.32
CA GLN A 1153 2.14 4.73 -14.29
C GLN A 1153 1.55 3.91 -15.41
N ALA A 1154 2.17 4.00 -16.60
CA ALA A 1154 1.97 3.02 -17.68
C ALA A 1154 3.30 2.73 -18.35
N THR A 1155 3.61 1.44 -18.52
CA THR A 1155 4.79 0.96 -19.21
C THR A 1155 4.39 0.01 -20.34
N PHE A 1156 5.06 0.13 -21.48
CA PHE A 1156 4.74 -0.62 -22.67
C PHE A 1156 6.03 -1.06 -23.33
N PRO A 1157 6.10 -2.25 -23.92
CA PRO A 1157 7.18 -2.53 -24.87
C PRO A 1157 7.11 -1.50 -25.99
N VAL A 1158 8.27 -1.17 -26.56
CA VAL A 1158 8.26 -0.19 -27.63
C VAL A 1158 7.72 -0.77 -28.94
N LYS A 1159 7.79 -2.09 -29.15
CA LYS A 1159 7.37 -2.64 -30.43
C LYS A 1159 5.88 -2.40 -30.73
N GLY A 1160 5.02 -2.46 -29.73
CA GLY A 1160 3.62 -2.32 -30.08
C GLY A 1160 2.94 -0.96 -29.98
N LEU A 1161 3.69 0.11 -30.25
CA LEU A 1161 3.22 1.47 -30.03
C LEU A 1161 2.51 2.02 -31.27
N LYS A 1162 1.32 2.58 -31.07
CA LYS A 1162 0.61 3.32 -32.10
C LYS A 1162 0.99 4.80 -32.03
N THR A 1163 0.80 5.48 -33.16
CA THR A 1163 1.24 6.86 -33.31
C THR A 1163 0.03 7.78 -33.42
N GLY A 1164 0.30 9.08 -33.31
CA GLY A 1164 -0.73 10.10 -33.45
C GLY A 1164 -1.10 10.76 -32.14
N TYR A 1165 -2.39 10.99 -31.92
CA TYR A 1165 -2.86 11.55 -30.66
C TYR A 1165 -3.41 10.36 -29.87
N ARG A 1166 -2.62 9.85 -28.93
CA ARG A 1166 -2.90 8.58 -28.27
C ARG A 1166 -3.20 8.79 -26.79
N ALA A 1167 -4.14 8.01 -26.27
CA ALA A 1167 -4.35 7.94 -24.83
C ALA A 1167 -3.34 6.99 -24.20
N VAL A 1168 -2.91 7.33 -22.99
CA VAL A 1168 -2.09 6.45 -22.16
C VAL A 1168 -2.95 6.02 -20.99
N PRO A 1169 -3.68 4.92 -21.08
CA PRO A 1169 -4.44 4.44 -19.91
C PRO A 1169 -3.52 4.15 -18.74
N LEU A 1170 -3.85 4.68 -17.57
CA LEU A 1170 -2.95 4.65 -16.43
C LEU A 1170 -3.29 3.54 -15.45
N LYS A 1171 -2.26 2.96 -14.84
CA LYS A 1171 -2.33 1.88 -13.87
C LYS A 1171 -1.80 2.35 -12.52
N ASN A 1172 -2.06 1.56 -11.48
CA ASN A 1172 -1.51 1.83 -10.17
C ASN A 1172 -0.13 1.17 -9.99
N ASN A 1173 0.43 1.27 -8.79
CA ASN A 1173 1.75 0.72 -8.60
C ASN A 1173 1.77 -0.80 -8.62
N TYR A 1174 0.61 -1.46 -8.49
CA TYR A 1174 0.52 -2.90 -8.69
C TYR A 1174 0.16 -3.28 -10.11
N SER A 1175 0.12 -2.32 -11.04
CA SER A 1175 -0.17 -2.54 -12.46
C SER A 1175 -1.64 -2.85 -12.73
N GLU A 1176 -2.53 -2.45 -11.83
CA GLU A 1176 -3.96 -2.69 -11.94
C GLU A 1176 -4.63 -1.46 -12.53
N ASP A 1177 -5.58 -1.67 -13.44
CA ASP A 1177 -6.14 -0.55 -14.20
C ASP A 1177 -6.86 0.43 -13.28
N LEU A 1178 -6.35 1.67 -13.22
CA LEU A 1178 -7.09 2.76 -12.58
C LEU A 1178 -8.36 3.12 -13.35
N GLU A 1179 -9.42 3.46 -12.62
CA GLU A 1179 -10.68 3.82 -13.24
C GLU A 1179 -10.53 5.17 -13.93
N LEU A 1180 -10.67 5.17 -15.27
CA LEU A 1180 -10.75 6.35 -16.12
C LEU A 1180 -9.45 7.17 -16.25
N ALA A 1181 -8.43 6.87 -15.45
CA ALA A 1181 -7.26 7.73 -15.39
C ALA A 1181 -6.41 7.54 -16.63
N SER A 1182 -6.05 8.63 -17.29
CA SER A 1182 -5.29 8.50 -18.52
C SER A 1182 -4.62 9.82 -18.88
N LEU A 1183 -3.54 9.71 -19.65
CA LEU A 1183 -2.89 10.84 -20.29
C LEU A 1183 -3.40 10.98 -21.73
N LEU A 1184 -3.23 12.16 -22.30
CA LEU A 1184 -3.28 12.30 -23.74
C LEU A 1184 -1.93 12.80 -24.22
N ILE A 1185 -1.36 12.12 -25.22
CA ILE A 1185 -0.07 12.49 -25.78
C ILE A 1185 -0.16 12.63 -27.29
N LYS A 1186 0.76 13.37 -27.84
CA LYS A 1186 1.06 13.34 -29.26
C LYS A 1186 2.37 12.58 -29.38
N ILE A 1187 2.32 11.38 -29.96
CA ILE A 1187 3.50 10.54 -30.12
C ILE A 1187 3.73 10.27 -31.60
N ASP A 1188 4.93 10.56 -32.09
CA ASP A 1188 5.34 10.27 -33.46
C ASP A 1188 6.59 9.40 -33.43
N ILE A 1189 6.57 8.29 -34.19
CA ILE A 1189 7.66 7.32 -34.17
C ILE A 1189 8.27 7.18 -35.57
N PHE A 1190 9.60 7.27 -35.65
CA PHE A 1190 10.32 7.16 -36.89
C PHE A 1190 11.31 5.99 -36.86
N PRO A 1191 11.51 5.30 -38.00
CA PRO A 1191 10.98 5.57 -39.34
C PRO A 1191 9.50 5.29 -39.42
N ALA A 1192 8.76 5.84 -40.36
CA ALA A 1192 7.32 5.62 -40.42
C ALA A 1192 7.00 4.18 -40.81
N LYS A 1193 6.00 3.61 -40.15
CA LYS A 1193 5.52 2.25 -40.47
C LYS A 1193 5.04 2.16 -41.92
S SO4 B . 7.04 31.51 10.92
O1 SO4 B . 7.69 30.16 10.83
O2 SO4 B . 6.24 31.71 9.65
O3 SO4 B . 6.18 31.47 12.16
O4 SO4 B . 8.05 32.67 11.00
#